data_6ZWE
#
_entry.id   6ZWE
#
_cell.length_a   211.350
_cell.length_b   211.350
_cell.length_c   115.900
_cell.angle_alpha   90.000
_cell.angle_beta   90.000
_cell.angle_gamma   120.000
#
_symmetry.space_group_name_H-M   'P 61'
#
loop_
_entity.id
_entity.type
_entity.pdbx_description
1 polymer Acetylcholinesterase
2 branched 2-acetamido-2-deoxy-beta-D-glucopyranose-(1-4)-[alpha-L-fucopyranose-(1-6)]2-acetamido-2-deoxy-beta-D-glucopyranose
3 branched 2-acetamido-2-deoxy-beta-D-glucopyranose-(1-3)-2-acetamido-2-deoxy-beta-D-glucopyranose
4 non-polymer 2-acetamido-2-deoxy-beta-D-glucopyranose
5 non-polymer (2~{E},4~{E})-5-(1,3-benzodioxol-5-yl)-~{N}-[6-(triphenyl-$l^{5}-phosphanyl)hexyl]penta-2,4-dienamide
6 non-polymer 'SULFATE ION'
7 non-polymer 'BROMIDE ION'
8 non-polymer 'CHLORIDE ION'
9 water water
#
_entity_poly.entity_id   1
_entity_poly.type   'polypeptide(L)'
_entity_poly.pdbx_seq_one_letter_code
;GREDAELLVTVRGGRLRGIRLKTPGGPVSAFLGIPFAEPPMGPRRFLPPEPKQPWSGVVDATTFQSVCYQYVDTLYPGFE
GTEMWNPNRELSEDCLYLNVWTPYPRPTSPTPVLVWIYGGGFYSGASSLDVYDGRFLVQAERTVLVSMNYRVGAFGFLAL
PGSREAPGNVGLLDQRLALQWVQENVAAFGGDPTSVTLFGESAGAASVGMHLLSPPSRGLFHRAVLQSGAPNGPWATVGM
GEARRRATQLAHLVGCPPGGTGGNDTELVACLRTRPAQVLVNHEWHVLPQESVFRFSFVPVVDGDFLSDTPEALINAGDF
HGLQVLVGVVKDEGSYFLVYGAPGFSKDNESLISRAEFLAGVRVGVPQVSDLAAEAVVLHYTDWLHPEDPARLREALSDV
VGDHNVVCPVAQLAGRLAAQGARVYAYVFEHRASTLSWPLWMGVPHGYEIEFIFGIPLDPSRNYTAEEKIFAQRLMRYWA
NFARTGDPNEPRDPKAPQWPPYTAGAQQYVSLDLRPLEVRRGLRAQACAFWNRFLPKLLSAT
;
_entity_poly.pdbx_strand_id   A,B
#
loop_
_chem_comp.id
_chem_comp.type
_chem_comp.name
_chem_comp.formula
BR non-polymer 'BROMIDE ION' 'Br -1'
CL non-polymer 'CHLORIDE ION' 'Cl -1'
FUC L-saccharide, alpha linking alpha-L-fucopyranose 'C6 H12 O5'
NAG D-saccharide, beta linking 2-acetamido-2-deoxy-beta-D-glucopyranose 'C8 H15 N O6'
QRH non-polymer (2~{E},4~{E})-5-(1,3-benzodioxol-5-yl)-~{N}-[6-(triphenyl-$l^{5}-phosphanyl)hexyl]penta-2,4-dienamide 'C36 H38 N O3 P'
SO4 non-polymer 'SULFATE ION' 'O4 S -2'
#
# COMPACT_ATOMS: atom_id res chain seq x y z
N ASP A 4 8.63 -57.08 29.76
CA ASP A 4 9.81 -56.77 30.56
C ASP A 4 9.49 -55.71 31.61
N ALA A 5 10.54 -55.16 32.24
CA ALA A 5 10.38 -54.17 33.29
C ALA A 5 10.53 -52.72 32.82
N GLU A 6 11.00 -52.47 31.59
CA GLU A 6 11.05 -51.09 31.11
C GLU A 6 9.68 -50.49 30.87
N LEU A 7 8.64 -51.31 30.76
CA LEU A 7 7.31 -50.83 30.44
C LEU A 7 6.42 -50.65 31.66
N LEU A 8 6.96 -50.84 32.86
CA LEU A 8 6.23 -50.58 34.09
C LEU A 8 6.92 -49.44 34.85
N VAL A 9 6.24 -48.31 34.92
CA VAL A 9 6.66 -47.15 35.69
C VAL A 9 5.49 -46.78 36.59
N THR A 10 5.80 -46.19 37.74
CA THR A 10 4.78 -45.75 38.67
C THR A 10 4.98 -44.27 38.98
N VAL A 11 3.95 -43.49 38.74
CA VAL A 11 3.96 -42.04 38.99
C VAL A 11 3.23 -41.76 40.30
N ARG A 12 3.11 -40.48 40.64
CA ARG A 12 2.60 -40.04 41.94
C ARG A 12 1.18 -40.53 42.21
N GLY A 13 0.48 -41.06 41.19
CA GLY A 13 -0.90 -41.48 41.36
C GLY A 13 -1.18 -42.97 41.25
N GLY A 14 -0.22 -43.76 40.82
CA GLY A 14 -0.43 -45.18 40.69
C GLY A 14 0.54 -45.78 39.69
N ARG A 15 0.33 -47.07 39.40
CA ARG A 15 1.20 -47.81 38.48
C ARG A 15 0.70 -47.73 37.05
N LEU A 16 1.64 -47.80 36.10
CA LEU A 16 1.37 -47.70 34.68
C LEU A 16 1.99 -48.87 33.94
N ARG A 17 1.36 -49.24 32.83
CA ARG A 17 1.86 -50.27 31.93
C ARG A 17 1.88 -49.70 30.51
N GLY A 18 3.08 -49.54 29.96
CA GLY A 18 3.25 -48.91 28.66
C GLY A 18 3.23 -49.91 27.51
N ILE A 19 3.67 -49.43 26.36
CA ILE A 19 3.79 -50.25 25.16
C ILE A 19 5.11 -49.90 24.48
N ARG A 20 5.76 -50.92 23.91
CA ARG A 20 6.98 -50.75 23.13
C ARG A 20 6.64 -50.48 21.67
N LEU A 21 7.12 -49.35 21.16
CA LEU A 21 6.85 -48.93 19.79
C LEU A 21 8.09 -49.10 18.93
N LYS A 22 7.88 -49.43 17.66
CA LYS A 22 8.98 -49.79 16.77
C LYS A 22 9.18 -48.67 15.74
N THR A 23 10.42 -48.21 15.61
CA THR A 23 10.79 -47.35 14.50
C THR A 23 11.90 -48.00 13.70
N PRO A 24 12.17 -47.52 12.47
CA PRO A 24 13.40 -47.94 11.79
C PRO A 24 14.65 -47.77 12.65
N GLY A 25 14.85 -46.57 13.21
CA GLY A 25 16.04 -46.32 14.01
C GLY A 25 16.09 -47.08 15.32
N GLY A 26 15.01 -47.74 15.71
CA GLY A 26 15.01 -48.51 16.93
C GLY A 26 13.68 -48.42 17.64
N PRO A 27 13.59 -49.00 18.83
CA PRO A 27 12.31 -48.94 19.56
C PRO A 27 12.31 -47.84 20.61
N VAL A 28 11.13 -47.34 20.94
CA VAL A 28 10.92 -46.44 22.06
C VAL A 28 9.73 -46.96 22.87
N SER A 29 9.63 -46.50 24.12
CA SER A 29 8.58 -46.91 25.03
C SER A 29 7.57 -45.78 25.21
N ALA A 30 6.29 -46.13 25.22
CA ALA A 30 5.21 -45.15 25.20
C ALA A 30 4.19 -45.48 26.28
N PHE A 31 3.68 -44.44 26.91
CA PHE A 31 2.64 -44.54 27.94
C PHE A 31 1.50 -43.65 27.50
N LEU A 32 0.48 -44.25 26.90
CA LEU A 32 -0.57 -43.52 26.22
C LEU A 32 -1.83 -43.52 27.08
N GLY A 33 -2.50 -42.38 27.16
CA GLY A 33 -3.77 -42.32 27.87
C GLY A 33 -3.68 -42.26 29.38
N ILE A 34 -2.72 -41.51 29.93
CA ILE A 34 -2.55 -41.36 31.37
C ILE A 34 -3.56 -40.35 31.92
N PRO A 35 -4.43 -40.76 32.83
CA PRO A 35 -5.39 -39.80 33.43
C PRO A 35 -4.67 -38.74 34.24
N PHE A 36 -4.90 -37.47 33.87
CA PHE A 36 -4.38 -36.34 34.64
C PHE A 36 -5.47 -35.51 35.29
N ALA A 37 -6.75 -35.85 35.13
CA ALA A 37 -7.82 -35.12 35.78
C ALA A 37 -9.02 -36.03 36.00
N GLU A 38 -9.77 -35.76 37.07
CA GLU A 38 -11.04 -36.42 37.27
C GLU A 38 -11.97 -36.08 36.11
N PRO A 39 -12.70 -37.05 35.55
CA PRO A 39 -13.49 -36.78 34.35
C PRO A 39 -14.45 -35.63 34.56
N PRO A 40 -14.41 -34.61 33.69
CA PRO A 40 -15.22 -33.40 33.87
C PRO A 40 -16.65 -33.57 33.35
N MET A 41 -17.40 -34.43 34.02
CA MET A 41 -18.72 -34.83 33.57
C MET A 41 -19.78 -34.40 34.59
N GLY A 42 -21.02 -34.30 34.10
CA GLY A 42 -22.14 -33.92 34.93
C GLY A 42 -21.99 -32.52 35.49
N PRO A 43 -21.88 -32.42 36.81
CA PRO A 43 -21.68 -31.09 37.43
C PRO A 43 -20.31 -30.51 37.15
N ARG A 44 -19.35 -31.31 36.73
CA ARG A 44 -18.01 -30.86 36.40
C ARG A 44 -17.89 -30.32 34.98
N ARG A 45 -18.93 -30.45 34.16
CA ARG A 45 -18.91 -29.86 32.83
C ARG A 45 -18.86 -28.35 32.94
N PHE A 46 -18.05 -27.72 32.08
CA PHE A 46 -17.76 -26.29 32.08
C PHE A 46 -16.92 -25.84 33.27
N LEU A 47 -16.44 -26.78 34.09
CA LEU A 47 -15.76 -26.41 35.31
C LEU A 47 -14.26 -26.65 35.17
N PRO A 48 -13.44 -25.86 35.86
CA PRO A 48 -11.99 -26.09 35.84
C PRO A 48 -11.66 -27.51 36.25
N PRO A 49 -10.63 -28.11 35.66
CA PRO A 49 -10.37 -29.53 35.92
C PRO A 49 -9.91 -29.76 37.35
N GLU A 50 -10.18 -30.98 37.84
CA GLU A 50 -9.76 -31.38 39.17
C GLU A 50 -8.69 -32.46 39.04
N PRO A 51 -7.61 -32.39 39.81
CA PRO A 51 -6.52 -33.38 39.63
C PRO A 51 -7.01 -34.80 39.89
N LYS A 52 -6.63 -35.71 38.99
CA LYS A 52 -6.99 -37.11 39.12
C LYS A 52 -6.47 -37.69 40.42
N GLN A 53 -7.38 -38.22 41.24
CA GLN A 53 -7.03 -38.84 42.50
C GLN A 53 -6.31 -40.18 42.26
N PRO A 54 -5.50 -40.63 43.23
CA PRO A 54 -4.71 -41.86 43.02
C PRO A 54 -5.61 -43.07 42.84
N TRP A 55 -5.07 -44.09 42.17
CA TRP A 55 -5.84 -45.24 41.73
C TRP A 55 -5.21 -46.55 42.18
N SER A 56 -6.06 -47.53 42.46
CA SER A 56 -5.60 -48.89 42.71
C SER A 56 -5.21 -49.59 41.42
N GLY A 57 -4.23 -50.49 41.51
CA GLY A 57 -3.88 -51.31 40.38
C GLY A 57 -2.96 -50.62 39.39
N VAL A 58 -2.93 -51.19 38.19
CA VAL A 58 -2.13 -50.66 37.08
C VAL A 58 -3.09 -50.13 36.02
N VAL A 59 -2.77 -48.96 35.47
CA VAL A 59 -3.53 -48.40 34.36
C VAL A 59 -3.01 -48.99 33.06
N ASP A 60 -3.93 -49.51 32.25
CA ASP A 60 -3.56 -49.92 30.89
C ASP A 60 -3.27 -48.64 30.12
N ALA A 61 -1.98 -48.34 29.94
CA ALA A 61 -1.53 -47.17 29.20
C ALA A 61 -0.92 -47.56 27.86
N THR A 62 -1.55 -48.52 27.18
CA THR A 62 -1.00 -49.05 25.95
C THR A 62 -1.60 -48.45 24.69
N THR A 63 -2.78 -47.82 24.79
CA THR A 63 -3.42 -47.21 23.64
C THR A 63 -3.96 -45.83 24.00
N PHE A 64 -4.20 -45.03 22.97
CA PHE A 64 -4.73 -43.68 23.14
C PHE A 64 -6.13 -43.72 23.74
N GLN A 65 -6.41 -42.78 24.65
CA GLN A 65 -7.73 -42.69 25.23
C GLN A 65 -8.64 -41.86 24.31
N SER A 66 -9.83 -41.52 24.79
CA SER A 66 -10.88 -40.97 23.94
C SER A 66 -10.56 -39.54 23.53
N VAL A 67 -11.33 -39.05 22.55
CA VAL A 67 -11.23 -37.70 22.02
C VAL A 67 -12.32 -36.86 22.66
N CYS A 68 -11.96 -35.64 23.06
CA CYS A 68 -12.96 -34.73 23.61
C CYS A 68 -14.01 -34.39 22.56
N TYR A 69 -15.24 -34.21 23.03
CA TYR A 69 -16.37 -34.03 22.14
C TYR A 69 -16.17 -32.81 21.24
N GLN A 70 -16.31 -33.02 19.93
CA GLN A 70 -16.06 -31.97 18.97
C GLN A 70 -16.84 -32.26 17.69
N TYR A 71 -17.19 -31.18 16.99
CA TYR A 71 -17.73 -31.29 15.64
C TYR A 71 -16.71 -31.98 14.74
N VAL A 72 -17.18 -32.92 13.91
CA VAL A 72 -16.34 -33.57 12.92
C VAL A 72 -16.65 -33.00 11.55
N ASP A 73 -15.62 -32.94 10.70
CA ASP A 73 -15.65 -32.24 9.42
C ASP A 73 -16.18 -33.17 8.32
N THR A 74 -17.32 -32.80 7.73
CA THR A 74 -17.93 -33.57 6.66
C THR A 74 -17.91 -32.86 5.30
N LEU A 75 -16.99 -31.91 5.10
CA LEU A 75 -16.96 -31.18 3.83
C LEU A 75 -16.57 -32.10 2.68
N TYR A 76 -15.51 -32.88 2.87
CA TYR A 76 -14.99 -33.78 1.85
C TYR A 76 -14.86 -35.17 2.47
N PRO A 77 -15.98 -35.89 2.61
CA PRO A 77 -15.94 -37.19 3.31
C PRO A 77 -15.00 -38.19 2.66
N GLY A 78 -14.25 -38.91 3.50
CA GLY A 78 -13.29 -39.91 3.05
C GLY A 78 -11.99 -39.37 2.51
N PHE A 79 -11.86 -38.05 2.41
CA PHE A 79 -10.70 -37.40 1.83
C PHE A 79 -9.60 -37.27 2.89
N GLU A 80 -8.40 -37.77 2.57
CA GLU A 80 -7.30 -37.77 3.54
C GLU A 80 -6.95 -36.36 4.00
N GLY A 81 -7.12 -35.36 3.13
CA GLY A 81 -6.77 -34.00 3.49
C GLY A 81 -7.51 -33.50 4.70
N THR A 82 -8.79 -33.86 4.82
CA THR A 82 -9.60 -33.48 5.97
C THR A 82 -9.71 -34.56 7.04
N GLU A 83 -9.71 -35.84 6.65
CA GLU A 83 -9.86 -36.92 7.61
C GLU A 83 -8.65 -37.09 8.52
N MET A 84 -7.48 -36.62 8.08
CA MET A 84 -6.28 -36.70 8.92
C MET A 84 -6.45 -35.94 10.24
N TRP A 85 -7.30 -34.90 10.26
CA TRP A 85 -7.50 -34.09 11.45
C TRP A 85 -8.72 -34.49 12.26
N ASN A 86 -9.54 -35.42 11.77
CA ASN A 86 -10.77 -35.84 12.44
C ASN A 86 -10.46 -36.83 13.56
N PRO A 87 -11.38 -36.98 14.53
CA PRO A 87 -11.14 -37.89 15.65
C PRO A 87 -10.89 -39.32 15.18
N ASN A 88 -9.81 -39.93 15.71
CA ASN A 88 -9.51 -41.33 15.42
C ASN A 88 -9.73 -42.22 16.64
N ARG A 89 -10.59 -41.78 17.57
CA ARG A 89 -11.10 -42.61 18.64
C ARG A 89 -12.49 -42.11 19.03
N GLU A 90 -13.16 -42.90 19.87
CA GLU A 90 -14.50 -42.55 20.33
C GLU A 90 -14.50 -41.19 21.01
N LEU A 91 -15.57 -40.42 20.77
CA LEU A 91 -15.75 -39.16 21.45
C LEU A 91 -16.25 -39.41 22.86
N SER A 92 -15.79 -38.59 23.80
CA SER A 92 -16.25 -38.70 25.18
C SER A 92 -15.95 -37.40 25.90
N GLU A 93 -16.78 -37.08 26.90
CA GLU A 93 -16.42 -36.05 27.86
C GLU A 93 -15.37 -36.54 28.84
N ASP A 94 -15.19 -37.86 28.94
CA ASP A 94 -14.10 -38.46 29.71
C ASP A 94 -12.90 -38.55 28.77
N CYS A 95 -12.16 -37.45 28.68
CA CYS A 95 -11.10 -37.33 27.68
C CYS A 95 -9.84 -36.67 28.20
N LEU A 96 -9.76 -36.28 29.47
CA LEU A 96 -8.61 -35.55 29.99
C LEU A 96 -7.51 -36.54 30.35
N TYR A 97 -6.82 -37.00 29.32
CA TYR A 97 -5.71 -37.95 29.41
C TYR A 97 -4.49 -37.37 28.71
N LEU A 98 -3.31 -37.88 29.06
CA LEU A 98 -2.08 -37.44 28.39
C LEU A 98 -1.21 -38.65 28.04
N ASN A 99 -0.16 -38.38 27.26
CA ASN A 99 0.73 -39.39 26.71
C ASN A 99 2.18 -38.95 26.90
N VAL A 100 3.07 -39.91 27.15
CA VAL A 100 4.50 -39.65 27.20
C VAL A 100 5.22 -40.69 26.35
N TRP A 101 6.12 -40.21 25.48
CA TRP A 101 7.08 -41.06 24.79
C TRP A 101 8.46 -40.87 25.41
N THR A 102 9.24 -41.95 25.47
CA THR A 102 10.57 -41.93 26.07
C THR A 102 11.44 -42.94 25.34
N PRO A 103 12.76 -42.74 25.30
CA PRO A 103 13.63 -43.69 24.58
C PRO A 103 13.56 -45.06 25.26
N TYR A 104 13.90 -46.11 24.48
CA TYR A 104 13.80 -47.46 25.05
C TYR A 104 14.83 -47.69 26.14
N PRO A 105 16.14 -47.52 25.93
CA PRO A 105 17.00 -47.42 27.10
C PRO A 105 16.59 -46.16 27.86
N ARG A 106 15.72 -46.33 28.85
CA ARG A 106 15.19 -45.16 29.56
C ARG A 106 16.34 -44.27 30.00
N PRO A 107 16.27 -42.97 29.75
CA PRO A 107 17.42 -42.11 29.98
C PRO A 107 17.94 -42.21 31.41
N THR A 108 19.26 -42.35 31.53
CA THR A 108 19.90 -42.31 32.84
C THR A 108 20.00 -40.88 33.36
N SER A 109 20.30 -39.91 32.45
CA SER A 109 20.39 -38.50 32.81
C SER A 109 19.06 -37.79 32.55
N PRO A 110 18.79 -36.71 33.28
CA PRO A 110 17.62 -35.87 32.96
C PRO A 110 17.69 -35.31 31.54
N THR A 111 16.65 -35.58 30.76
CA THR A 111 16.47 -35.22 29.36
C THR A 111 15.46 -34.09 29.22
N PRO A 112 15.69 -33.13 28.32
CA PRO A 112 14.69 -32.08 28.10
C PRO A 112 13.44 -32.66 27.45
N VAL A 113 12.29 -32.07 27.76
CA VAL A 113 11.02 -32.65 27.35
C VAL A 113 10.32 -31.66 26.44
N LEU A 114 9.69 -32.16 25.39
CA LEU A 114 8.81 -31.38 24.54
C LEU A 114 7.37 -31.74 24.87
N VAL A 115 6.54 -30.72 25.06
CA VAL A 115 5.10 -30.91 25.26
C VAL A 115 4.36 -30.27 24.10
N TRP A 116 3.47 -31.04 23.48
CA TRP A 116 2.76 -30.64 22.27
C TRP A 116 1.31 -30.32 22.58
N ILE A 117 0.84 -29.18 22.08
CA ILE A 117 -0.54 -28.73 22.26
C ILE A 117 -1.16 -28.66 20.87
N TYR A 118 -2.17 -29.50 20.62
CA TYR A 118 -2.69 -29.58 19.26
C TYR A 118 -3.59 -28.40 18.97
N GLY A 119 -3.70 -28.07 17.68
CA GLY A 119 -4.53 -26.98 17.23
C GLY A 119 -5.89 -27.44 16.73
N GLY A 120 -6.53 -26.57 15.96
CA GLY A 120 -7.87 -26.83 15.48
C GLY A 120 -8.91 -25.87 16.01
N GLY A 121 -8.61 -24.58 15.90
CA GLY A 121 -9.52 -23.49 16.22
C GLY A 121 -10.31 -23.60 17.50
N PHE A 122 -9.74 -24.24 18.51
CA PHE A 122 -10.34 -24.39 19.83
C PHE A 122 -11.67 -25.12 19.79
N TYR A 123 -11.97 -25.82 18.69
CA TYR A 123 -13.21 -26.59 18.59
C TYR A 123 -12.97 -28.04 18.22
N SER A 124 -11.72 -28.47 18.03
CA SER A 124 -11.41 -29.78 17.48
C SER A 124 -10.00 -30.17 17.87
N GLY A 125 -9.61 -31.38 17.49
CA GLY A 125 -8.26 -31.85 17.69
C GLY A 125 -8.19 -32.94 18.75
N ALA A 126 -7.13 -33.74 18.66
CA ALA A 126 -6.85 -34.81 19.60
C ALA A 126 -5.37 -35.15 19.52
N SER A 127 -4.80 -35.55 20.66
CA SER A 127 -3.39 -35.97 20.69
C SER A 127 -3.16 -37.30 19.99
N SER A 128 -4.21 -38.11 19.83
CA SER A 128 -4.13 -39.43 19.22
C SER A 128 -3.93 -39.37 17.71
N LEU A 129 -3.95 -38.20 17.09
CA LEU A 129 -3.85 -38.13 15.64
C LEU A 129 -2.50 -38.68 15.17
N ASP A 130 -2.50 -39.36 14.04
CA ASP A 130 -1.28 -40.00 13.55
C ASP A 130 -0.19 -38.97 13.27
N VAL A 131 -0.59 -37.75 12.90
CA VAL A 131 0.36 -36.71 12.56
C VAL A 131 1.09 -36.17 13.78
N TYR A 132 0.66 -36.58 14.98
CA TYR A 132 1.33 -36.19 16.22
C TYR A 132 2.09 -37.36 16.87
N ASP A 133 2.37 -38.42 16.10
CA ASP A 133 3.04 -39.58 16.69
C ASP A 133 4.44 -39.20 17.16
N GLY A 134 4.68 -39.40 18.46
CA GLY A 134 5.92 -38.97 19.11
C GLY A 134 7.15 -39.83 18.87
N ARG A 135 6.98 -41.10 18.49
CA ARG A 135 8.08 -42.06 18.48
C ARG A 135 9.29 -41.58 17.67
N PHE A 136 9.06 -40.97 16.51
CA PHE A 136 10.18 -40.60 15.65
C PHE A 136 11.01 -39.48 16.26
N LEU A 137 10.37 -38.60 17.03
CA LEU A 137 11.04 -37.46 17.62
C LEU A 137 11.88 -37.86 18.84
N VAL A 138 11.41 -38.82 19.63
CA VAL A 138 12.19 -39.29 20.76
C VAL A 138 13.25 -40.31 20.34
N GLN A 139 13.01 -41.08 19.27
CA GLN A 139 14.03 -42.02 18.83
C GLN A 139 15.18 -41.30 18.15
N ALA A 140 14.87 -40.35 17.27
CA ALA A 140 15.92 -39.65 16.55
C ALA A 140 16.74 -38.76 17.47
N GLU A 141 16.09 -38.03 18.38
CA GLU A 141 16.77 -36.97 19.12
C GLU A 141 16.81 -37.20 20.63
N ARG A 142 16.27 -38.33 21.11
CA ARG A 142 16.48 -38.79 22.48
C ARG A 142 16.06 -37.75 23.50
N THR A 143 14.85 -37.24 23.32
CA THR A 143 14.12 -36.44 24.29
C THR A 143 12.87 -37.21 24.66
N VAL A 144 12.22 -36.85 25.74
CA VAL A 144 10.89 -37.38 26.01
C VAL A 144 9.86 -36.35 25.55
N LEU A 145 8.72 -36.85 25.10
CA LEU A 145 7.67 -36.03 24.50
C LEU A 145 6.36 -36.29 25.22
N VAL A 146 5.66 -35.23 25.61
CA VAL A 146 4.37 -35.32 26.27
C VAL A 146 3.34 -34.59 25.43
N SER A 147 2.15 -35.17 25.31
CA SER A 147 1.01 -34.51 24.70
C SER A 147 -0.23 -34.88 25.49
N MET A 148 -1.22 -34.00 25.47
CA MET A 148 -2.43 -34.20 26.26
C MET A 148 -3.65 -33.73 25.47
N ASN A 149 -4.80 -34.26 25.89
CA ASN A 149 -6.09 -33.79 25.40
C ASN A 149 -6.58 -32.68 26.31
N TYR A 150 -7.10 -31.62 25.70
CA TYR A 150 -7.77 -30.57 26.45
C TYR A 150 -9.15 -30.37 25.83
N ARG A 151 -10.11 -29.99 26.67
CA ARG A 151 -11.47 -29.77 26.21
C ARG A 151 -11.53 -28.68 25.15
N VAL A 152 -12.35 -28.90 24.13
CA VAL A 152 -12.55 -27.94 23.06
C VAL A 152 -14.03 -27.61 22.96
N GLY A 153 -14.39 -26.76 22.01
CA GLY A 153 -15.76 -26.30 21.84
C GLY A 153 -16.32 -25.68 23.10
N ALA A 154 -17.65 -25.75 23.23
CA ALA A 154 -18.30 -25.19 24.41
C ALA A 154 -17.86 -25.88 25.70
N PHE A 155 -17.41 -27.13 25.60
CA PHE A 155 -16.98 -27.85 26.80
C PHE A 155 -15.70 -27.25 27.38
N GLY A 156 -14.87 -26.63 26.56
CA GLY A 156 -13.65 -26.04 27.07
C GLY A 156 -13.65 -24.54 27.16
N PHE A 157 -14.54 -23.87 26.43
CA PHE A 157 -14.40 -22.42 26.29
C PHE A 157 -15.72 -21.66 26.23
N LEU A 158 -16.86 -22.30 26.51
CA LEU A 158 -18.06 -21.55 26.78
C LEU A 158 -17.88 -20.79 28.09
N ALA A 159 -18.32 -19.53 28.10
CA ALA A 159 -18.14 -18.72 29.29
C ALA A 159 -19.34 -17.80 29.49
N LEU A 160 -19.82 -17.76 30.74
CA LEU A 160 -20.69 -16.70 31.23
C LEU A 160 -19.81 -15.88 32.17
N PRO A 161 -19.14 -14.84 31.67
CA PRO A 161 -18.12 -14.15 32.48
C PRO A 161 -18.67 -13.57 33.77
N GLY A 162 -17.92 -13.78 34.86
CA GLY A 162 -18.32 -13.38 36.18
C GLY A 162 -18.94 -14.51 36.97
N SER A 163 -19.56 -15.46 36.28
CA SER A 163 -20.19 -16.59 36.93
C SER A 163 -19.15 -17.54 37.50
N ARG A 164 -19.54 -18.25 38.55
CA ARG A 164 -18.72 -19.30 39.13
C ARG A 164 -18.86 -20.64 38.43
N GLU A 165 -19.95 -20.86 37.69
CA GLU A 165 -20.24 -22.17 37.12
C GLU A 165 -19.89 -22.28 35.63
N ALA A 166 -19.67 -21.17 34.94
CA ALA A 166 -19.16 -21.17 33.57
C ALA A 166 -18.12 -20.07 33.46
N PRO A 167 -16.94 -20.29 34.05
CA PRO A 167 -15.96 -19.19 34.13
C PRO A 167 -15.14 -18.98 32.87
N GLY A 168 -15.06 -19.97 32.00
CA GLY A 168 -14.31 -19.84 30.76
C GLY A 168 -12.90 -20.39 30.88
N ASN A 169 -12.27 -20.54 29.72
CA ASN A 169 -10.86 -20.92 29.60
C ASN A 169 -10.52 -22.23 30.32
N VAL A 170 -11.50 -23.11 30.56
CA VAL A 170 -11.16 -24.35 31.24
C VAL A 170 -10.38 -25.29 30.33
N GLY A 171 -10.47 -25.12 29.01
CA GLY A 171 -9.60 -25.85 28.12
C GLY A 171 -8.15 -25.44 28.28
N LEU A 172 -7.91 -24.15 28.50
CA LEU A 172 -6.55 -23.70 28.82
C LEU A 172 -6.12 -24.20 30.19
N LEU A 173 -7.04 -24.19 31.16
CA LEU A 173 -6.74 -24.74 32.49
C LEU A 173 -6.48 -26.25 32.40
N ASP A 174 -7.15 -26.94 31.48
CA ASP A 174 -6.80 -28.34 31.19
C ASP A 174 -5.32 -28.44 30.84
N GLN A 175 -4.85 -27.54 29.97
CA GLN A 175 -3.45 -27.55 29.55
C GLN A 175 -2.52 -27.30 30.74
N ARG A 176 -2.81 -26.26 31.51
CA ARG A 176 -1.98 -25.93 32.67
C ARG A 176 -1.89 -27.09 33.64
N LEU A 177 -3.01 -27.76 33.91
CA LEU A 177 -3.00 -28.93 34.79
C LEU A 177 -2.05 -30.01 34.27
N ALA A 178 -2.06 -30.25 32.95
CA ALA A 178 -1.15 -31.25 32.39
C ALA A 178 0.29 -30.82 32.51
N LEU A 179 0.56 -29.52 32.44
CA LEU A 179 1.91 -29.03 32.65
C LEU A 179 2.33 -29.24 34.10
N GLN A 180 1.43 -28.94 35.04
CA GLN A 180 1.68 -29.25 36.45
C GLN A 180 1.93 -30.73 36.65
N TRP A 181 1.31 -31.58 35.82
CA TRP A 181 1.54 -33.01 35.90
C TRP A 181 2.97 -33.38 35.50
N VAL A 182 3.52 -32.74 34.46
CA VAL A 182 4.86 -33.14 34.03
C VAL A 182 5.91 -32.63 35.01
N GLN A 183 5.69 -31.46 35.61
CA GLN A 183 6.60 -30.99 36.67
C GLN A 183 6.73 -32.03 37.78
N GLU A 184 5.62 -32.70 38.09
CA GLU A 184 5.55 -33.67 39.16
C GLU A 184 5.94 -35.07 38.74
N ASN A 185 5.83 -35.39 37.45
CA ASN A 185 5.89 -36.78 37.03
C ASN A 185 6.77 -37.06 35.82
N VAL A 186 7.23 -36.06 35.09
CA VAL A 186 8.09 -36.34 33.93
C VAL A 186 9.44 -36.88 34.39
N ALA A 187 9.83 -36.61 35.64
CA ALA A 187 11.08 -37.15 36.18
C ALA A 187 11.06 -38.68 36.18
N ALA A 188 9.90 -39.27 36.45
CA ALA A 188 9.79 -40.73 36.49
C ALA A 188 10.06 -41.40 35.15
N PHE A 189 10.15 -40.64 34.06
CA PHE A 189 10.34 -41.22 32.72
C PHE A 189 11.68 -40.86 32.12
N GLY A 190 12.55 -40.16 32.85
CA GLY A 190 13.79 -39.67 32.31
C GLY A 190 13.75 -38.21 31.92
N GLY A 191 12.64 -37.52 32.17
CA GLY A 191 12.49 -36.14 31.75
C GLY A 191 13.05 -35.18 32.77
N ASP A 192 13.49 -34.02 32.28
CA ASP A 192 14.09 -32.99 33.12
C ASP A 192 13.05 -31.90 33.33
N PRO A 193 12.40 -31.84 34.50
CA PRO A 193 11.40 -30.77 34.75
C PRO A 193 11.96 -29.37 34.55
N THR A 194 13.29 -29.23 34.60
CA THR A 194 13.93 -27.92 34.55
C THR A 194 14.25 -27.48 33.13
N SER A 195 13.89 -28.27 32.12
CA SER A 195 13.95 -27.83 30.73
C SER A 195 12.81 -28.51 29.98
N VAL A 196 11.67 -27.84 29.95
CA VAL A 196 10.50 -28.33 29.22
C VAL A 196 10.12 -27.25 28.21
N THR A 197 9.93 -27.64 26.97
CA THR A 197 9.62 -26.71 25.89
C THR A 197 8.22 -26.99 25.35
N LEU A 198 7.37 -25.97 25.36
CA LEU A 198 6.05 -26.06 24.77
C LEU A 198 6.15 -25.82 23.26
N PHE A 199 5.49 -26.66 22.49
CA PHE A 199 5.31 -26.36 21.07
C PHE A 199 3.92 -26.80 20.63
N GLY A 200 3.33 -26.01 19.74
CA GLY A 200 1.98 -26.24 19.28
C GLY A 200 1.72 -25.51 17.99
N GLU A 201 0.74 -26.01 17.24
CA GLU A 201 0.39 -25.46 15.94
C GLU A 201 -1.04 -24.93 15.97
N SER A 202 -1.28 -23.88 15.18
CA SER A 202 -2.57 -23.20 15.03
C SER A 202 -3.10 -22.81 16.41
N ALA A 203 -4.32 -23.23 16.80
CA ALA A 203 -4.85 -22.89 18.11
C ALA A 203 -3.95 -23.36 19.24
N GLY A 204 -3.21 -24.46 19.02
CA GLY A 204 -2.19 -24.86 19.98
C GLY A 204 -1.12 -23.80 20.15
N ALA A 205 -0.62 -23.27 19.04
CA ALA A 205 0.36 -22.18 19.11
C ALA A 205 -0.18 -20.99 19.89
N ALA A 206 -1.44 -20.62 19.66
CA ALA A 206 -2.05 -19.55 20.43
C ALA A 206 -2.14 -19.92 21.91
N SER A 207 -2.38 -21.20 22.20
CA SER A 207 -2.42 -21.64 23.58
C SER A 207 -1.06 -21.48 24.25
N VAL A 208 0.01 -21.83 23.51
CA VAL A 208 1.37 -21.58 24.00
C VAL A 208 1.56 -20.10 24.29
N GLY A 209 1.05 -19.24 23.41
CA GLY A 209 1.14 -17.80 23.65
C GLY A 209 0.47 -17.37 24.94
N MET A 210 -0.74 -17.87 25.19
CA MET A 210 -1.48 -17.45 26.39
C MET A 210 -0.83 -17.98 27.66
N HIS A 211 -0.14 -19.12 27.59
CA HIS A 211 0.61 -19.58 28.75
C HIS A 211 1.78 -18.66 29.02
N LEU A 212 2.35 -18.06 27.98
CA LEU A 212 3.43 -17.10 28.14
C LEU A 212 2.95 -15.78 28.72
N LEU A 213 1.65 -15.51 28.67
CA LEU A 213 1.06 -14.29 29.19
C LEU A 213 0.25 -14.53 30.46
N SER A 214 0.26 -15.75 30.98
CA SER A 214 -0.49 -16.08 32.20
C SER A 214 0.52 -16.46 33.26
N PRO A 215 0.79 -15.57 34.22
CA PRO A 215 1.83 -15.82 35.23
C PRO A 215 1.71 -17.19 35.89
N PRO A 216 0.49 -17.64 36.31
CA PRO A 216 0.42 -18.93 37.01
C PRO A 216 0.86 -20.13 36.19
N SER A 217 1.17 -19.95 34.91
CA SER A 217 1.70 -21.04 34.09
C SER A 217 3.10 -20.79 33.56
N ARG A 218 3.57 -19.54 33.49
CA ARG A 218 4.89 -19.24 32.94
C ARG A 218 6.01 -19.84 33.76
N GLY A 219 5.71 -20.23 35.00
CA GLY A 219 6.60 -21.02 35.83
C GLY A 219 6.66 -22.51 35.52
N LEU A 220 5.95 -22.98 34.49
CA LEU A 220 5.82 -24.40 34.20
C LEU A 220 6.57 -24.82 32.94
N PHE A 221 7.27 -23.90 32.29
CA PHE A 221 8.00 -24.19 31.06
C PHE A 221 9.04 -23.09 30.86
N HIS A 222 9.99 -23.35 29.96
CA HIS A 222 11.14 -22.46 29.86
C HIS A 222 11.34 -21.96 28.44
N ARG A 223 10.87 -22.71 27.44
CA ARG A 223 10.92 -22.27 26.06
C ARG A 223 9.59 -22.59 25.38
N ALA A 224 9.34 -21.90 24.27
CA ALA A 224 8.04 -21.92 23.62
C ALA A 224 8.21 -21.86 22.11
N VAL A 225 7.51 -22.76 21.42
CA VAL A 225 7.48 -22.78 19.96
C VAL A 225 6.05 -22.54 19.49
N LEU A 226 5.87 -21.58 18.60
CA LEU A 226 4.57 -21.17 18.10
C LEU A 226 4.54 -21.38 16.59
N GLN A 227 3.86 -22.44 16.14
CA GLN A 227 3.78 -22.78 14.72
C GLN A 227 2.43 -22.33 14.16
N SER A 228 2.47 -21.29 13.31
CA SER A 228 1.28 -20.82 12.59
C SER A 228 0.16 -20.42 13.54
N GLY A 229 0.51 -19.65 14.57
CA GLY A 229 -0.50 -19.18 15.49
C GLY A 229 0.03 -18.21 16.53
N ALA A 230 -0.84 -17.34 17.03
CA ALA A 230 -0.46 -16.35 18.04
C ALA A 230 -1.69 -16.01 18.87
N PRO A 231 -1.51 -15.70 20.15
CA PRO A 231 -2.67 -15.39 20.99
C PRO A 231 -3.34 -14.07 20.65
N ASN A 232 -2.65 -13.18 19.95
CA ASN A 232 -3.20 -11.90 19.54
C ASN A 232 -3.97 -11.96 18.22
N GLY A 233 -4.12 -13.14 17.63
CA GLY A 233 -4.91 -13.31 16.43
C GLY A 233 -6.34 -12.87 16.63
N PRO A 234 -6.96 -12.36 15.55
CA PRO A 234 -8.36 -11.89 15.67
C PRO A 234 -9.35 -13.00 16.00
N TRP A 235 -8.95 -14.26 15.88
CA TRP A 235 -9.83 -15.41 16.09
C TRP A 235 -9.62 -16.08 17.44
N ALA A 236 -8.55 -15.75 18.16
CA ALA A 236 -8.11 -16.55 19.29
C ALA A 236 -8.78 -16.17 20.62
N THR A 237 -9.39 -14.98 20.71
CA THR A 237 -10.03 -14.55 21.95
C THR A 237 -11.29 -13.76 21.62
N VAL A 238 -12.20 -13.73 22.60
CA VAL A 238 -13.42 -12.95 22.54
C VAL A 238 -13.53 -12.13 23.81
N GLY A 239 -14.30 -11.03 23.71
CA GLY A 239 -14.61 -10.25 24.88
C GLY A 239 -15.68 -10.92 25.72
N MET A 240 -15.75 -10.52 27.00
CA MET A 240 -16.75 -11.10 27.89
C MET A 240 -18.15 -10.91 27.36
N GLY A 241 -18.47 -9.71 26.85
CA GLY A 241 -19.81 -9.46 26.35
C GLY A 241 -20.18 -10.38 25.20
N GLU A 242 -19.26 -10.56 24.25
CA GLU A 242 -19.52 -11.47 23.15
C GLU A 242 -19.56 -12.93 23.61
N ALA A 243 -18.76 -13.29 24.61
CA ALA A 243 -18.78 -14.67 25.11
C ALA A 243 -20.11 -15.01 25.76
N ARG A 244 -20.63 -14.10 26.59
CA ARG A 244 -21.96 -14.30 27.16
C ARG A 244 -23.03 -14.28 26.08
N ARG A 245 -22.89 -13.40 25.09
CA ARG A 245 -23.87 -13.35 24.01
C ARG A 245 -23.93 -14.68 23.25
N ARG A 246 -22.76 -15.29 23.04
CA ARG A 246 -22.71 -16.57 22.34
C ARG A 246 -23.16 -17.73 23.21
N ALA A 247 -22.93 -17.65 24.52
CA ALA A 247 -23.32 -18.75 25.39
C ALA A 247 -24.83 -18.82 25.55
N THR A 248 -25.44 -17.68 25.88
CA THR A 248 -26.90 -17.63 26.05
C THR A 248 -27.63 -18.04 24.78
N GLN A 249 -27.10 -17.70 23.60
CA GLN A 249 -27.80 -18.10 22.38
C GLN A 249 -27.68 -19.59 22.12
N LEU A 250 -26.58 -20.22 22.54
CA LEU A 250 -26.52 -21.68 22.45
C LEU A 250 -27.57 -22.31 23.34
N ALA A 251 -27.72 -21.79 24.56
CA ALA A 251 -28.76 -22.28 25.46
C ALA A 251 -30.14 -22.07 24.86
N HIS A 252 -30.38 -20.90 24.26
CA HIS A 252 -31.64 -20.65 23.57
C HIS A 252 -31.87 -21.64 22.44
N LEU A 253 -30.78 -22.08 21.79
CA LEU A 253 -30.90 -22.98 20.65
C LEU A 253 -31.25 -24.40 21.05
N VAL A 254 -30.83 -24.83 22.25
CA VAL A 254 -31.16 -26.17 22.73
C VAL A 254 -32.29 -26.13 23.75
N GLY A 255 -33.09 -25.08 23.74
CA GLY A 255 -34.24 -24.94 24.62
C GLY A 255 -33.82 -24.91 26.07
N CYS A 256 -33.08 -23.86 26.43
CA CYS A 256 -32.60 -23.61 27.80
C CYS A 256 -33.00 -22.20 28.20
N PRO A 257 -34.21 -22.02 28.75
CA PRO A 257 -34.64 -20.69 29.20
C PRO A 257 -33.70 -20.11 30.26
N ASN A 264 -31.36 -16.12 34.84
CA ASN A 264 -29.98 -15.72 35.11
C ASN A 264 -28.95 -16.76 34.68
N ASP A 265 -27.72 -16.55 35.14
CA ASP A 265 -26.60 -17.40 34.75
C ASP A 265 -26.70 -18.80 35.36
N THR A 266 -26.95 -18.89 36.67
CA THR A 266 -26.83 -20.16 37.36
C THR A 266 -27.84 -21.18 36.87
N GLU A 267 -29.05 -20.75 36.50
CA GLU A 267 -29.99 -21.70 35.92
C GLU A 267 -29.64 -21.99 34.47
N LEU A 268 -29.08 -21.02 33.75
CA LEU A 268 -28.69 -21.24 32.35
C LEU A 268 -27.70 -22.39 32.22
N VAL A 269 -26.74 -22.48 33.15
CA VAL A 269 -25.69 -23.49 33.03
C VAL A 269 -26.18 -24.85 33.49
N ALA A 270 -26.94 -24.89 34.58
CA ALA A 270 -27.53 -26.15 35.03
C ALA A 270 -28.36 -26.81 33.93
N CYS A 271 -29.11 -26.01 33.17
CA CYS A 271 -29.84 -26.54 32.03
C CYS A 271 -28.91 -27.19 31.01
N LEU A 272 -27.79 -26.53 30.69
CA LEU A 272 -26.90 -27.05 29.66
C LEU A 272 -26.25 -28.36 30.08
N ARG A 273 -25.97 -28.54 31.37
CA ARG A 273 -25.40 -29.80 31.84
C ARG A 273 -26.34 -30.97 31.64
N THR A 274 -27.64 -30.71 31.48
CA THR A 274 -28.59 -31.80 31.27
C THR A 274 -28.58 -32.32 29.84
N ARG A 275 -28.25 -31.46 28.89
CA ARG A 275 -28.26 -31.86 27.49
C ARG A 275 -27.14 -32.84 27.21
N PRO A 276 -27.39 -33.89 26.42
CA PRO A 276 -26.29 -34.76 25.99
C PRO A 276 -25.23 -33.92 25.29
N ALA A 277 -23.97 -34.36 25.43
CA ALA A 277 -22.87 -33.61 24.85
C ALA A 277 -23.02 -33.50 23.34
N GLN A 278 -23.59 -34.54 22.71
CA GLN A 278 -23.72 -34.57 21.27
C GLN A 278 -24.75 -33.54 20.79
N VAL A 279 -25.65 -33.09 21.67
CA VAL A 279 -26.64 -32.09 21.29
C VAL A 279 -26.03 -30.70 21.26
N LEU A 280 -25.14 -30.40 22.21
CA LEU A 280 -24.41 -29.14 22.20
C LEU A 280 -23.53 -29.02 20.96
N VAL A 281 -22.75 -30.06 20.66
CA VAL A 281 -21.89 -30.10 19.49
C VAL A 281 -22.68 -29.77 18.23
N ASN A 282 -23.91 -30.26 18.14
CA ASN A 282 -24.69 -30.15 16.91
C ASN A 282 -25.11 -28.72 16.61
N HIS A 283 -25.24 -27.87 17.64
CA HIS A 283 -25.60 -26.47 17.47
C HIS A 283 -24.41 -25.52 17.62
N GLU A 284 -23.17 -26.02 17.59
CA GLU A 284 -22.03 -25.16 17.90
C GLU A 284 -21.89 -24.02 16.89
N TRP A 285 -21.82 -24.36 15.60
CA TRP A 285 -21.54 -23.35 14.58
C TRP A 285 -22.71 -22.41 14.33
N HIS A 286 -23.86 -22.67 14.91
CA HIS A 286 -25.05 -21.87 14.64
C HIS A 286 -25.11 -20.61 15.48
N VAL A 287 -24.18 -20.45 16.44
CA VAL A 287 -24.14 -19.28 17.31
C VAL A 287 -23.23 -18.17 16.80
N LEU A 288 -22.51 -18.37 15.69
CA LEU A 288 -21.58 -17.35 15.20
C LEU A 288 -22.31 -16.09 14.71
N PRO A 289 -21.75 -14.90 14.95
CA PRO A 289 -22.49 -13.66 14.66
C PRO A 289 -22.61 -13.35 13.19
N GLN A 290 -21.70 -13.83 12.35
CA GLN A 290 -21.78 -13.59 10.92
C GLN A 290 -21.27 -14.83 10.21
N GLU A 291 -21.63 -14.96 8.94
CA GLU A 291 -21.05 -16.03 8.14
C GLU A 291 -19.65 -15.60 7.76
N SER A 292 -18.68 -16.46 8.06
CA SER A 292 -17.30 -16.02 8.20
C SER A 292 -16.40 -17.20 7.95
N VAL A 293 -15.15 -16.90 7.64
CA VAL A 293 -14.12 -17.92 7.55
C VAL A 293 -13.05 -17.63 8.59
N PHE A 294 -12.42 -18.69 9.09
CA PHE A 294 -11.41 -18.61 10.15
C PHE A 294 -11.99 -17.95 11.40
N ARG A 295 -13.21 -18.33 11.78
CA ARG A 295 -13.80 -17.90 13.05
C ARG A 295 -14.48 -19.09 13.72
N PHE A 296 -14.41 -19.10 15.05
CA PHE A 296 -14.84 -20.23 15.87
C PHE A 296 -15.59 -19.72 17.07
N SER A 297 -16.59 -20.49 17.52
CA SER A 297 -17.60 -19.95 18.41
C SER A 297 -17.14 -19.88 19.86
N PHE A 298 -16.43 -20.90 20.34
CA PHE A 298 -16.01 -20.94 21.74
C PHE A 298 -14.49 -21.00 21.82
N VAL A 299 -13.90 -19.86 22.16
CA VAL A 299 -12.46 -19.66 22.22
C VAL A 299 -12.15 -18.99 23.55
N PRO A 300 -10.89 -18.81 23.93
CA PRO A 300 -10.60 -18.13 25.20
C PRO A 300 -11.19 -16.73 25.28
N VAL A 301 -11.51 -16.32 26.51
CA VAL A 301 -12.17 -15.04 26.78
C VAL A 301 -11.25 -14.18 27.65
N VAL A 302 -11.21 -12.88 27.37
CA VAL A 302 -10.49 -11.91 28.20
C VAL A 302 -11.36 -11.52 29.39
N ASP A 303 -11.18 -12.20 30.52
CA ASP A 303 -12.02 -12.04 31.71
C ASP A 303 -11.29 -11.49 32.93
N GLY A 304 -9.98 -11.23 32.84
CA GLY A 304 -9.16 -10.90 33.99
C GLY A 304 -8.57 -12.08 34.72
N ASP A 305 -9.25 -13.23 34.73
CA ASP A 305 -8.68 -14.45 35.26
C ASP A 305 -8.00 -15.17 34.09
N PHE A 306 -6.79 -15.68 34.33
CA PHE A 306 -5.93 -16.27 33.31
C PHE A 306 -5.33 -15.22 32.37
N LEU A 307 -6.18 -14.46 31.69
CA LEU A 307 -5.72 -13.36 30.85
C LEU A 307 -6.04 -12.10 31.62
N SER A 308 -5.01 -11.57 32.28
CA SER A 308 -5.17 -10.34 33.06
C SER A 308 -5.64 -9.19 32.19
N ASP A 309 -5.35 -9.23 30.90
CA ASP A 309 -5.70 -8.18 29.97
C ASP A 309 -5.78 -8.81 28.59
N THR A 310 -6.17 -8.02 27.59
CA THR A 310 -6.17 -8.54 26.24
C THR A 310 -4.76 -8.99 25.88
N PRO A 311 -4.60 -10.09 25.13
CA PRO A 311 -3.26 -10.57 24.80
C PRO A 311 -2.37 -9.49 24.17
N GLU A 312 -2.95 -8.59 23.39
CA GLU A 312 -2.16 -7.53 22.77
C GLU A 312 -1.55 -6.60 23.83
N ALA A 313 -2.35 -6.23 24.84
CA ALA A 313 -1.82 -5.46 25.95
C ALA A 313 -0.73 -6.21 26.69
N LEU A 314 -1.03 -7.43 27.14
CA LEU A 314 -0.04 -8.23 27.87
C LEU A 314 1.24 -8.41 27.08
N ILE A 315 1.14 -8.53 25.75
CA ILE A 315 2.34 -8.60 24.91
C ILE A 315 3.08 -7.27 24.97
N ASN A 316 2.36 -6.16 24.84
CA ASN A 316 2.98 -4.85 24.68
C ASN A 316 3.79 -4.45 25.90
N ALA A 317 3.27 -4.70 27.10
CA ALA A 317 3.91 -4.19 28.31
C ALA A 317 4.55 -5.28 29.16
N GLY A 318 4.99 -6.37 28.56
CA GLY A 318 5.63 -7.41 29.31
C GLY A 318 7.13 -7.42 29.08
N ASP A 319 7.83 -8.10 29.98
CA ASP A 319 9.27 -8.28 29.89
C ASP A 319 9.55 -9.76 29.66
N PHE A 320 10.29 -10.05 28.59
CA PHE A 320 10.48 -11.41 28.10
C PHE A 320 11.95 -11.83 28.16
N HIS A 321 12.76 -11.10 28.91
CA HIS A 321 14.13 -11.50 29.14
C HIS A 321 14.17 -12.90 29.75
N GLY A 322 15.14 -13.69 29.31
CA GLY A 322 15.29 -15.07 29.75
C GLY A 322 14.46 -16.05 28.97
N LEU A 323 13.82 -15.63 27.88
CA LEU A 323 12.88 -16.45 27.12
C LEU A 323 13.41 -16.64 25.71
N GLN A 324 13.48 -17.90 25.28
CA GLN A 324 13.72 -18.25 23.88
C GLN A 324 12.42 -18.73 23.26
N VAL A 325 12.09 -18.24 22.07
CA VAL A 325 10.86 -18.61 21.38
C VAL A 325 11.18 -18.86 19.91
N LEU A 326 10.65 -19.95 19.38
CA LEU A 326 10.79 -20.31 17.97
C LEU A 326 9.40 -20.23 17.34
N VAL A 327 9.27 -19.41 16.30
CA VAL A 327 7.97 -19.12 15.71
C VAL A 327 8.11 -19.16 14.19
N GLY A 328 7.00 -19.45 13.52
CA GLY A 328 7.02 -19.40 12.07
C GLY A 328 5.66 -19.68 11.47
N VAL A 329 5.63 -19.61 10.14
CA VAL A 329 4.42 -19.78 9.34
C VAL A 329 4.74 -20.69 8.16
N VAL A 330 3.71 -21.26 7.56
CA VAL A 330 3.85 -21.94 6.28
C VAL A 330 3.73 -20.90 5.18
N LYS A 331 3.95 -21.32 3.92
CA LYS A 331 4.01 -20.36 2.82
C LYS A 331 2.63 -19.87 2.41
N ASP A 332 1.61 -20.73 2.53
CA ASP A 332 0.24 -20.41 2.11
C ASP A 332 -0.70 -20.68 3.29
N GLU A 333 -0.74 -19.76 4.25
CA GLU A 333 -1.54 -19.99 5.44
C GLU A 333 -3.04 -19.96 5.13
N GLY A 334 -3.45 -19.06 4.23
CA GLY A 334 -4.86 -18.79 4.01
C GLY A 334 -5.60 -19.76 3.10
N SER A 335 -4.88 -20.46 2.23
CA SER A 335 -5.53 -21.23 1.16
C SER A 335 -6.49 -22.28 1.73
N TYR A 336 -6.03 -23.05 2.73
CA TYR A 336 -6.83 -24.13 3.31
C TYR A 336 -8.21 -23.67 3.72
N PHE A 337 -8.33 -22.44 4.23
CA PHE A 337 -9.58 -22.01 4.84
C PHE A 337 -10.59 -21.52 3.82
N LEU A 338 -10.17 -21.19 2.61
CA LEU A 338 -11.08 -20.62 1.63
C LEU A 338 -12.15 -21.61 1.21
N VAL A 339 -11.81 -22.90 1.12
CA VAL A 339 -12.78 -23.90 0.69
C VAL A 339 -13.82 -24.20 1.75
N TYR A 340 -13.77 -23.53 2.91
CA TYR A 340 -14.71 -23.72 4.01
C TYR A 340 -15.70 -22.58 4.14
N GLY A 341 -16.01 -21.90 3.02
CA GLY A 341 -16.99 -20.84 3.04
C GLY A 341 -16.73 -19.66 2.11
N ALA A 342 -15.66 -19.72 1.32
CA ALA A 342 -15.40 -18.59 0.44
C ALA A 342 -16.08 -18.81 -0.91
N PRO A 343 -16.81 -17.81 -1.40
CA PRO A 343 -17.63 -17.99 -2.61
C PRO A 343 -16.77 -18.27 -3.83
N GLY A 344 -16.98 -19.45 -4.43
CA GLY A 344 -16.26 -19.83 -5.64
C GLY A 344 -15.08 -20.75 -5.42
N PHE A 345 -14.95 -21.33 -4.23
CA PHE A 345 -13.76 -22.07 -3.84
C PHE A 345 -14.09 -23.52 -3.61
N SER A 346 -13.24 -24.40 -4.11
CA SER A 346 -13.33 -25.83 -3.85
C SER A 346 -11.96 -26.44 -4.05
N LYS A 347 -11.71 -27.55 -3.34
CA LYS A 347 -10.49 -28.29 -3.59
C LYS A 347 -10.50 -28.95 -4.95
N ASP A 348 -11.68 -29.19 -5.53
CA ASP A 348 -11.79 -30.03 -6.70
C ASP A 348 -11.67 -29.29 -8.03
N ASN A 349 -12.03 -28.00 -8.11
CA ASN A 349 -11.63 -27.21 -9.26
C ASN A 349 -10.38 -26.39 -8.90
N GLU A 350 -9.97 -25.51 -9.80
CA GLU A 350 -8.87 -24.60 -9.56
C GLU A 350 -9.29 -23.28 -8.90
N SER A 351 -10.58 -23.12 -8.59
CA SER A 351 -11.07 -22.01 -7.76
C SER A 351 -10.71 -20.64 -8.33
N LEU A 352 -10.87 -20.48 -9.64
CA LEU A 352 -10.67 -19.17 -10.27
C LEU A 352 -11.91 -18.33 -10.04
N ILE A 353 -11.80 -17.35 -9.15
CA ILE A 353 -12.94 -16.60 -8.68
C ILE A 353 -13.08 -15.32 -9.51
N SER A 354 -14.30 -14.79 -9.52
CA SER A 354 -14.56 -13.51 -10.15
C SER A 354 -14.17 -12.39 -9.19
N ARG A 355 -14.04 -11.18 -9.74
CA ARG A 355 -13.81 -10.04 -8.86
C ARG A 355 -14.96 -9.88 -7.87
N ALA A 356 -16.20 -10.09 -8.33
CA ALA A 356 -17.34 -10.03 -7.42
C ALA A 356 -17.25 -11.10 -6.35
N GLU A 357 -16.75 -12.29 -6.71
CA GLU A 357 -16.55 -13.33 -5.71
C GLU A 357 -15.43 -12.96 -4.76
N PHE A 358 -14.37 -12.34 -5.29
CA PHE A 358 -13.29 -11.86 -4.43
C PHE A 358 -13.77 -10.78 -3.47
N LEU A 359 -14.43 -9.73 -3.99
CA LEU A 359 -14.91 -8.65 -3.16
C LEU A 359 -15.86 -9.16 -2.07
N ALA A 360 -16.68 -10.15 -2.41
CA ALA A 360 -17.54 -10.76 -1.39
C ALA A 360 -16.71 -11.63 -0.45
N GLY A 361 -15.61 -12.20 -0.95
CA GLY A 361 -14.74 -13.00 -0.11
C GLY A 361 -14.02 -12.19 0.93
N VAL A 362 -13.74 -10.92 0.64
CA VAL A 362 -13.08 -10.05 1.61
C VAL A 362 -13.96 -9.83 2.82
N ARG A 363 -15.27 -9.64 2.61
CA ARG A 363 -16.18 -9.39 3.73
C ARG A 363 -16.33 -10.61 4.63
N VAL A 364 -16.22 -11.82 4.07
CA VAL A 364 -16.31 -13.02 4.88
C VAL A 364 -14.94 -13.41 5.46
N GLY A 365 -13.86 -13.11 4.73
CA GLY A 365 -12.53 -13.32 5.28
C GLY A 365 -12.19 -12.37 6.40
N VAL A 366 -12.60 -11.10 6.27
CA VAL A 366 -12.36 -10.08 7.30
C VAL A 366 -13.70 -9.67 7.89
N PRO A 367 -14.32 -10.53 8.69
CA PRO A 367 -15.68 -10.23 9.14
C PRO A 367 -15.71 -9.14 10.20
N GLN A 368 -16.85 -8.45 10.29
CA GLN A 368 -17.12 -7.46 11.32
C GLN A 368 -16.15 -6.27 11.32
N VAL A 369 -15.86 -5.74 10.13
CA VAL A 369 -15.15 -4.48 10.00
C VAL A 369 -16.01 -3.54 9.16
N SER A 370 -15.66 -2.27 9.15
CA SER A 370 -16.47 -1.26 8.47
C SER A 370 -16.39 -1.43 6.95
N ASP A 371 -17.25 -0.68 6.26
CA ASP A 371 -17.21 -0.67 4.80
C ASP A 371 -15.93 -0.03 4.30
N LEU A 372 -15.47 1.01 5.00
CA LEU A 372 -14.22 1.68 4.65
C LEU A 372 -13.03 0.75 4.86
N ALA A 373 -13.00 0.03 5.99
CA ALA A 373 -11.94 -0.94 6.24
C ALA A 373 -11.85 -1.97 5.12
N ALA A 374 -13.01 -2.48 4.66
CA ALA A 374 -13.00 -3.46 3.58
C ALA A 374 -12.44 -2.86 2.30
N GLU A 375 -12.76 -1.60 2.03
CA GLU A 375 -12.16 -0.91 0.89
C GLU A 375 -10.65 -0.82 1.03
N ALA A 376 -10.18 -0.49 2.24
CA ALA A 376 -8.75 -0.46 2.50
C ALA A 376 -8.09 -1.80 2.20
N VAL A 377 -8.77 -2.89 2.56
CA VAL A 377 -8.24 -4.23 2.27
C VAL A 377 -8.14 -4.46 0.77
N VAL A 378 -9.18 -4.11 0.01
CA VAL A 378 -9.13 -4.31 -1.43
C VAL A 378 -8.10 -3.37 -2.06
N LEU A 379 -7.92 -2.17 -1.49
CA LEU A 379 -6.90 -1.27 -2.02
C LEU A 379 -5.53 -1.90 -1.95
N HIS A 380 -5.22 -2.56 -0.83
N HIS A 380 -5.21 -2.54 -0.82
CA HIS A 380 -3.89 -3.13 -0.62
CA HIS A 380 -3.89 -3.12 -0.64
C HIS A 380 -3.71 -4.47 -1.30
C HIS A 380 -3.71 -4.42 -1.40
N TYR A 381 -4.78 -5.18 -1.65
CA TYR A 381 -4.66 -6.54 -2.13
C TYR A 381 -5.05 -6.80 -3.58
N THR A 382 -5.85 -5.95 -4.20
CA THR A 382 -6.06 -6.08 -5.65
C THR A 382 -4.90 -5.49 -6.42
N ASP A 383 -4.54 -6.15 -7.52
CA ASP A 383 -3.53 -5.67 -8.46
C ASP A 383 -4.24 -4.77 -9.47
N TRP A 384 -4.02 -3.47 -9.38
CA TRP A 384 -4.80 -2.52 -10.16
C TRP A 384 -4.39 -2.47 -11.64
N LEU A 385 -3.40 -3.24 -12.05
CA LEU A 385 -3.19 -3.50 -13.48
C LEU A 385 -3.94 -4.73 -13.95
N HIS A 386 -4.27 -5.65 -13.05
CA HIS A 386 -5.03 -6.86 -13.38
C HIS A 386 -6.12 -7.05 -12.33
N PRO A 387 -7.06 -6.12 -12.23
CA PRO A 387 -8.05 -6.19 -11.14
C PRO A 387 -9.00 -7.36 -11.27
N GLU A 388 -9.03 -8.03 -12.41
CA GLU A 388 -10.02 -9.06 -12.69
C GLU A 388 -9.44 -10.46 -12.88
N ASP A 389 -8.14 -10.60 -13.09
CA ASP A 389 -7.52 -11.91 -13.28
C ASP A 389 -7.93 -12.86 -12.17
N PRO A 390 -8.63 -13.96 -12.48
CA PRO A 390 -9.13 -14.83 -11.40
C PRO A 390 -8.04 -15.52 -10.60
N ALA A 391 -6.93 -15.89 -11.24
CA ALA A 391 -5.83 -16.52 -10.50
C ALA A 391 -5.24 -15.54 -9.49
N ARG A 392 -5.07 -14.27 -9.89
CA ARG A 392 -4.52 -13.28 -8.98
C ARG A 392 -5.47 -12.98 -7.83
N LEU A 393 -6.78 -12.92 -8.13
CA LEU A 393 -7.77 -12.73 -7.07
C LEU A 393 -7.79 -13.91 -6.11
N ARG A 394 -7.58 -15.13 -6.63
CA ARG A 394 -7.50 -16.30 -5.76
C ARG A 394 -6.32 -16.19 -4.80
N GLU A 395 -5.13 -15.97 -5.37
CA GLU A 395 -3.94 -15.78 -4.54
C GLU A 395 -4.13 -14.60 -3.59
N ALA A 396 -4.79 -13.53 -4.06
CA ALA A 396 -4.99 -12.36 -3.22
C ALA A 396 -5.82 -12.70 -1.98
N LEU A 397 -6.99 -13.30 -2.18
CA LEU A 397 -7.83 -13.66 -1.04
C LEU A 397 -7.15 -14.67 -0.13
N SER A 398 -6.33 -15.57 -0.70
CA SER A 398 -5.52 -16.46 0.13
C SER A 398 -4.61 -15.66 1.05
N ASP A 399 -3.99 -14.61 0.53
CA ASP A 399 -3.13 -13.76 1.35
C ASP A 399 -3.94 -13.01 2.41
N VAL A 400 -5.06 -12.41 2.01
CA VAL A 400 -5.89 -11.64 2.94
C VAL A 400 -6.21 -12.46 4.18
N VAL A 401 -6.65 -13.70 3.97
CA VAL A 401 -7.04 -14.54 5.10
C VAL A 401 -5.82 -14.97 5.90
N GLY A 402 -4.78 -15.42 5.23
CA GLY A 402 -3.58 -15.86 5.94
C GLY A 402 -2.89 -14.73 6.69
N ASP A 403 -2.73 -13.58 6.03
CA ASP A 403 -2.05 -12.46 6.66
C ASP A 403 -2.82 -11.93 7.86
N HIS A 404 -4.09 -11.60 7.66
CA HIS A 404 -4.92 -11.06 8.73
C HIS A 404 -4.99 -12.00 9.93
N ASN A 405 -4.92 -13.31 9.69
CA ASN A 405 -5.20 -14.30 10.73
C ASN A 405 -3.96 -14.94 11.32
N VAL A 406 -2.90 -15.18 10.53
CA VAL A 406 -1.73 -15.85 11.09
C VAL A 406 -0.45 -15.03 11.00
N VAL A 407 0.00 -14.69 9.79
CA VAL A 407 1.36 -14.19 9.64
C VAL A 407 1.52 -12.84 10.34
N CYS A 408 0.63 -11.89 10.06
CA CYS A 408 0.72 -10.60 10.72
C CYS A 408 0.50 -10.69 12.23
N PRO A 409 -0.37 -11.57 12.75
CA PRO A 409 -0.38 -11.78 14.22
C PRO A 409 0.92 -12.37 14.76
N VAL A 410 1.57 -13.31 14.07
CA VAL A 410 2.82 -13.85 14.61
C VAL A 410 3.97 -12.88 14.36
N ALA A 411 3.94 -12.13 13.27
CA ALA A 411 4.96 -11.11 13.04
C ALA A 411 4.90 -10.03 14.12
N GLN A 412 3.68 -9.65 14.52
CA GLN A 412 3.53 -8.66 15.57
C GLN A 412 4.05 -9.20 16.90
N LEU A 413 3.75 -10.47 17.21
CA LEU A 413 4.22 -11.06 18.45
C LEU A 413 5.74 -11.19 18.45
N ALA A 414 6.32 -11.50 17.29
CA ALA A 414 7.76 -11.72 17.22
C ALA A 414 8.53 -10.41 17.40
N GLY A 415 8.06 -9.33 16.77
CA GLY A 415 8.72 -8.06 16.91
C GLY A 415 8.74 -7.56 18.34
N ARG A 416 7.64 -7.77 19.07
CA ARG A 416 7.55 -7.26 20.44
C ARG A 416 8.28 -8.14 21.45
N LEU A 417 8.31 -9.46 21.24
CA LEU A 417 9.08 -10.32 22.14
C LEU A 417 10.57 -10.01 22.04
N ALA A 418 11.10 -9.97 20.82
CA ALA A 418 12.52 -9.68 20.64
C ALA A 418 12.87 -8.30 21.18
N ALA A 419 12.07 -7.29 20.86
CA ALA A 419 12.31 -5.93 21.32
C ALA A 419 12.19 -5.78 22.84
N GLN A 420 11.63 -6.78 23.55
CA GLN A 420 11.44 -6.70 24.99
C GLN A 420 12.19 -7.80 25.75
N GLY A 421 13.25 -8.35 25.16
CA GLY A 421 14.18 -9.21 25.86
C GLY A 421 14.14 -10.70 25.53
N ALA A 422 13.34 -11.12 24.56
CA ALA A 422 13.29 -12.51 24.16
C ALA A 422 14.32 -12.79 23.07
N ARG A 423 14.73 -14.05 22.95
CA ARG A 423 15.57 -14.52 21.85
C ARG A 423 14.69 -15.31 20.90
N VAL A 424 14.37 -14.72 19.74
CA VAL A 424 13.34 -15.22 18.85
C VAL A 424 14.00 -15.76 17.59
N TYR A 425 13.58 -16.95 17.17
CA TYR A 425 13.97 -17.53 15.88
C TYR A 425 12.74 -17.74 15.03
N ALA A 426 12.82 -17.34 13.76
CA ALA A 426 11.68 -17.29 12.87
C ALA A 426 11.94 -18.11 11.62
N TYR A 427 10.91 -18.81 11.15
CA TYR A 427 10.99 -19.63 9.95
C TYR A 427 9.79 -19.37 9.05
N VAL A 428 9.93 -19.75 7.78
CA VAL A 428 8.81 -19.91 6.86
C VAL A 428 8.93 -21.29 6.25
N PHE A 429 7.98 -22.18 6.58
CA PHE A 429 7.98 -23.54 6.05
C PHE A 429 7.35 -23.51 4.67
N GLU A 430 8.13 -23.78 3.64
CA GLU A 430 7.67 -23.65 2.25
C GLU A 430 8.08 -24.87 1.43
N HIS A 431 7.92 -26.06 1.99
CA HIS A 431 8.03 -27.30 1.25
C HIS A 431 6.66 -27.95 1.16
N ARG A 432 6.24 -28.26 -0.07
CA ARG A 432 4.98 -28.93 -0.31
C ARG A 432 5.24 -30.42 -0.27
N ALA A 433 4.64 -31.09 0.72
CA ALA A 433 4.82 -32.53 0.86
C ALA A 433 4.43 -33.24 -0.41
N SER A 434 5.27 -34.19 -0.83
CA SER A 434 4.96 -34.98 -2.03
C SER A 434 3.69 -35.79 -1.84
N THR A 435 3.30 -36.06 -0.60
CA THR A 435 2.14 -36.87 -0.28
C THR A 435 0.84 -36.07 -0.22
N LEU A 436 0.87 -34.78 -0.54
CA LEU A 436 -0.25 -33.89 -0.29
C LEU A 436 -1.47 -34.26 -1.14
N SER A 437 -2.56 -34.63 -0.46
CA SER A 437 -3.84 -34.89 -1.11
C SER A 437 -4.53 -33.62 -1.60
N TRP A 438 -4.21 -32.46 -1.03
CA TRP A 438 -4.91 -31.24 -1.41
C TRP A 438 -4.43 -30.76 -2.78
N PRO A 439 -5.23 -29.95 -3.48
CA PRO A 439 -4.84 -29.51 -4.81
C PRO A 439 -3.58 -28.65 -4.78
N LEU A 440 -3.04 -28.38 -5.96
CA LEU A 440 -1.77 -27.68 -6.03
C LEU A 440 -1.92 -26.17 -5.88
N TRP A 441 -3.09 -25.61 -6.21
CA TRP A 441 -3.25 -24.18 -6.08
C TRP A 441 -3.22 -23.74 -4.62
N MET A 442 -3.43 -24.67 -3.69
CA MET A 442 -3.37 -24.34 -2.27
C MET A 442 -1.93 -24.25 -1.77
N GLY A 443 -0.96 -24.58 -2.60
CA GLY A 443 0.44 -24.42 -2.24
C GLY A 443 0.81 -25.26 -1.03
N VAL A 444 1.45 -24.60 -0.06
CA VAL A 444 1.76 -25.21 1.23
C VAL A 444 0.70 -24.79 2.23
N PRO A 445 -0.28 -25.64 2.52
CA PRO A 445 -1.41 -25.21 3.34
C PRO A 445 -1.12 -25.20 4.82
N HIS A 446 -1.97 -24.47 5.54
CA HIS A 446 -1.96 -24.39 7.00
C HIS A 446 -1.98 -25.76 7.65
N GLY A 447 -0.90 -26.12 8.33
CA GLY A 447 -0.86 -27.35 9.11
C GLY A 447 0.01 -28.45 8.56
N TYR A 448 0.67 -28.23 7.42
CA TYR A 448 1.35 -29.31 6.72
C TYR A 448 2.87 -29.22 6.84
N GLU A 449 3.36 -28.56 7.89
CA GLU A 449 4.71 -28.79 8.37
C GLU A 449 4.74 -29.83 9.48
N ILE A 450 3.61 -30.03 10.19
CA ILE A 450 3.56 -30.88 11.38
C ILE A 450 4.10 -32.27 11.06
N GLU A 451 3.68 -32.82 9.92
CA GLU A 451 4.16 -34.13 9.46
C GLU A 451 5.66 -34.25 9.60
N PHE A 452 6.38 -33.24 9.15
CA PHE A 452 7.84 -33.29 9.12
C PHE A 452 8.44 -33.03 10.49
N ILE A 453 7.91 -32.05 11.22
CA ILE A 453 8.40 -31.73 12.56
C ILE A 453 8.35 -32.97 13.43
N PHE A 454 7.35 -33.83 13.22
CA PHE A 454 7.24 -35.07 13.96
C PHE A 454 7.96 -36.23 13.28
N GLY A 455 8.60 -35.99 12.14
CA GLY A 455 9.37 -37.04 11.48
C GLY A 455 8.54 -38.18 10.93
N ILE A 456 7.31 -37.90 10.50
CA ILE A 456 6.42 -38.91 9.95
C ILE A 456 6.96 -39.52 8.65
N PRO A 457 7.74 -38.80 7.80
CA PRO A 457 8.35 -39.46 6.63
C PRO A 457 9.13 -40.73 6.93
N LEU A 458 9.58 -40.89 8.17
CA LEU A 458 10.38 -42.05 8.52
C LEU A 458 9.53 -43.31 8.69
N ASP A 459 8.22 -43.19 8.74
CA ASP A 459 7.33 -44.35 8.78
C ASP A 459 7.43 -45.10 7.47
N PRO A 460 7.80 -46.38 7.47
CA PRO A 460 7.90 -47.11 6.20
C PRO A 460 6.57 -47.26 5.49
N SER A 461 5.45 -47.26 6.21
CA SER A 461 4.15 -47.39 5.57
C SER A 461 3.82 -46.23 4.66
N ARG A 462 4.28 -45.02 5.00
CA ARG A 462 4.04 -43.85 4.16
C ARG A 462 5.17 -43.73 3.15
N ASN A 463 4.85 -43.43 1.90
CA ASN A 463 5.88 -43.48 0.85
C ASN A 463 6.47 -42.10 0.60
N TYR A 464 6.93 -41.40 1.64
CA TYR A 464 7.60 -40.13 1.41
C TYR A 464 8.91 -40.39 0.68
N THR A 465 9.38 -39.39 -0.05
CA THR A 465 10.64 -39.63 -0.74
C THR A 465 11.79 -39.62 0.27
N ALA A 466 12.94 -40.13 -0.17
CA ALA A 466 14.10 -40.22 0.72
C ALA A 466 14.64 -38.83 1.04
N GLU A 467 14.63 -37.93 0.05
CA GLU A 467 15.04 -36.56 0.31
C GLU A 467 14.14 -35.90 1.34
N GLU A 468 12.88 -36.33 1.40
CA GLU A 468 11.97 -35.84 2.43
C GLU A 468 12.33 -36.41 3.80
N LYS A 469 12.78 -37.67 3.86
CA LYS A 469 13.15 -38.24 5.15
C LYS A 469 14.35 -37.53 5.75
N ILE A 470 15.30 -37.13 4.91
CA ILE A 470 16.43 -36.34 5.38
C ILE A 470 15.96 -34.97 5.84
N PHE A 471 14.96 -34.41 5.16
CA PHE A 471 14.39 -33.12 5.54
C PHE A 471 13.83 -33.17 6.96
N ALA A 472 12.98 -34.16 7.25
CA ALA A 472 12.38 -34.27 8.59
C ALA A 472 13.45 -34.47 9.66
N GLN A 473 14.45 -35.31 9.38
CA GLN A 473 15.55 -35.49 10.34
C GLN A 473 16.28 -34.18 10.59
N ARG A 474 16.44 -33.38 9.54
CA ARG A 474 17.01 -32.05 9.71
C ARG A 474 16.11 -31.18 10.57
N LEU A 475 14.80 -31.21 10.30
CA LEU A 475 13.85 -30.36 11.01
C LEU A 475 13.76 -30.74 12.49
N MET A 476 13.49 -32.01 12.78
CA MET A 476 13.39 -32.46 14.15
C MET A 476 14.67 -32.24 14.94
N ARG A 477 15.82 -32.14 14.26
CA ARG A 477 17.03 -31.72 14.97
C ARG A 477 16.97 -30.23 15.33
N TYR A 478 16.55 -29.37 14.39
CA TYR A 478 16.40 -27.95 14.70
C TYR A 478 15.54 -27.77 15.95
N TRP A 479 14.40 -28.47 15.99
CA TRP A 479 13.48 -28.36 17.10
C TRP A 479 14.10 -28.86 18.40
N ALA A 480 14.60 -30.10 18.39
CA ALA A 480 15.28 -30.64 19.56
C ALA A 480 16.41 -29.71 20.02
N ASN A 481 17.27 -29.32 19.10
CA ASN A 481 18.32 -28.35 19.38
C ASN A 481 17.77 -27.14 20.13
N PHE A 482 16.68 -26.55 19.62
CA PHE A 482 16.06 -25.42 20.29
C PHE A 482 15.63 -25.77 21.71
N ALA A 483 14.97 -26.92 21.87
CA ALA A 483 14.49 -27.33 23.19
C ALA A 483 15.64 -27.49 24.18
N ARG A 484 16.78 -28.00 23.72
CA ARG A 484 17.91 -28.24 24.61
C ARG A 484 18.60 -26.94 25.00
N THR A 485 18.73 -26.00 24.07
CA THR A 485 19.64 -24.89 24.21
C THR A 485 19.01 -23.51 24.05
N GLY A 486 17.81 -23.40 23.48
CA GLY A 486 17.31 -22.11 23.08
C GLY A 486 17.90 -21.62 21.79
N ASP A 487 18.41 -22.52 20.97
CA ASP A 487 19.11 -22.20 19.73
C ASP A 487 19.00 -23.38 18.78
N PRO A 488 18.41 -23.20 17.60
CA PRO A 488 18.26 -24.33 16.66
C PRO A 488 19.59 -24.80 16.09
N ASN A 489 20.60 -23.92 16.03
CA ASN A 489 21.87 -24.26 15.41
C ASN A 489 22.68 -25.21 16.30
N GLU A 490 23.70 -25.84 15.69
CA GLU A 490 24.52 -26.69 16.55
C GLU A 490 25.73 -25.90 17.04
N PRO A 491 26.04 -25.93 18.34
CA PRO A 491 27.16 -25.11 18.84
C PRO A 491 28.53 -25.46 18.26
N ARG A 492 28.86 -26.75 18.12
CA ARG A 492 30.13 -27.13 17.50
C ARG A 492 29.99 -27.34 16.01
N ASP A 493 29.43 -26.36 15.32
CA ASP A 493 29.29 -26.50 13.87
C ASP A 493 29.06 -25.13 13.25
N PRO A 494 30.12 -24.32 13.10
CA PRO A 494 29.97 -23.02 12.44
C PRO A 494 29.80 -23.11 10.93
N LYS A 495 30.28 -24.17 10.28
CA LYS A 495 30.23 -24.26 8.83
C LYS A 495 28.79 -24.38 8.32
N ALA A 496 27.90 -24.95 9.15
CA ALA A 496 26.49 -25.06 8.80
C ALA A 496 25.84 -23.68 8.70
N PRO A 497 24.90 -23.49 7.77
CA PRO A 497 24.31 -22.16 7.58
C PRO A 497 23.57 -21.70 8.83
N GLN A 498 23.93 -20.53 9.32
CA GLN A 498 23.42 -20.04 10.59
C GLN A 498 21.98 -19.52 10.47
N TRP A 499 21.15 -19.91 11.43
CA TRP A 499 19.81 -19.39 11.64
C TRP A 499 19.91 -18.18 12.57
N PRO A 500 19.85 -16.96 12.03
CA PRO A 500 19.99 -15.77 12.87
C PRO A 500 18.71 -15.49 13.64
N PRO A 501 18.80 -14.83 14.78
CA PRO A 501 17.58 -14.49 15.53
C PRO A 501 16.73 -13.47 14.77
N TYR A 502 15.41 -13.63 14.88
CA TYR A 502 14.52 -12.59 14.41
C TYR A 502 14.58 -11.40 15.35
N THR A 503 14.77 -10.21 14.78
CA THR A 503 14.78 -8.98 15.54
C THR A 503 13.83 -7.99 14.88
N ALA A 504 13.40 -6.98 15.66
CA ALA A 504 12.38 -6.07 15.18
C ALA A 504 12.84 -5.27 13.96
N GLY A 505 14.12 -4.93 13.90
CA GLY A 505 14.65 -4.16 12.79
C GLY A 505 15.08 -4.97 11.59
N ALA A 506 15.93 -5.97 11.81
CA ALA A 506 16.44 -6.78 10.72
C ALA A 506 15.39 -7.76 10.23
N GLN A 507 14.51 -8.22 11.12
CA GLN A 507 13.38 -9.10 10.77
C GLN A 507 13.86 -10.30 9.97
N GLN A 508 14.95 -10.91 10.43
CA GLN A 508 15.52 -12.04 9.72
C GLN A 508 14.78 -13.32 10.08
N TYR A 509 14.44 -14.09 9.06
CA TYR A 509 13.92 -15.43 9.26
C TYR A 509 14.65 -16.35 8.30
N VAL A 510 14.44 -17.64 8.48
CA VAL A 510 15.05 -18.64 7.61
C VAL A 510 13.94 -19.34 6.85
N SER A 511 14.32 -20.03 5.78
CA SER A 511 13.39 -20.80 4.97
C SER A 511 13.63 -22.29 5.17
N LEU A 512 12.55 -23.04 5.44
CA LEU A 512 12.61 -24.48 5.65
C LEU A 512 12.05 -25.16 4.39
N ASP A 513 12.95 -25.65 3.55
CA ASP A 513 12.61 -26.52 2.44
C ASP A 513 13.81 -27.44 2.20
N LEU A 514 13.78 -28.16 1.08
CA LEU A 514 14.84 -29.11 0.78
C LEU A 514 16.20 -28.44 0.56
N ARG A 515 16.21 -27.16 0.17
CA ARG A 515 17.48 -26.47 0.02
C ARG A 515 18.03 -26.06 1.37
N PRO A 516 19.35 -25.91 1.49
CA PRO A 516 19.94 -25.48 2.76
C PRO A 516 19.35 -24.15 3.22
N LEU A 517 19.50 -23.89 4.53
CA LEU A 517 18.93 -22.70 5.16
C LEU A 517 19.27 -21.40 4.44
N GLU A 518 18.27 -20.85 3.77
CA GLU A 518 18.33 -19.54 3.14
C GLU A 518 17.72 -18.51 4.09
N VAL A 519 18.49 -17.46 4.38
CA VAL A 519 18.06 -16.39 5.28
C VAL A 519 17.39 -15.29 4.46
N ARG A 520 16.12 -15.02 4.77
CA ARG A 520 15.40 -13.91 4.17
C ARG A 520 14.98 -12.93 5.26
N ARG A 521 14.70 -11.71 4.84
CA ARG A 521 14.32 -10.63 5.75
C ARG A 521 12.89 -10.19 5.47
N GLY A 522 12.15 -9.92 6.55
CA GLY A 522 10.81 -9.37 6.43
C GLY A 522 9.71 -10.39 6.32
N LEU A 523 8.85 -10.43 7.33
CA LEU A 523 7.79 -11.42 7.39
C LEU A 523 6.50 -10.81 6.84
N ARG A 524 6.49 -10.66 5.51
CA ARG A 524 5.46 -9.90 4.80
C ARG A 524 5.27 -8.54 5.46
N ALA A 525 6.39 -7.82 5.56
CA ALA A 525 6.45 -6.56 6.30
C ALA A 525 5.45 -5.54 5.76
N GLN A 526 5.39 -5.40 4.43
CA GLN A 526 4.56 -4.34 3.86
C GLN A 526 3.07 -4.59 4.09
N ALA A 527 2.66 -5.85 4.09
CA ALA A 527 1.25 -6.15 4.34
C ALA A 527 0.92 -6.03 5.82
N CYS A 528 1.79 -6.55 6.69
CA CYS A 528 1.50 -6.54 8.11
C CYS A 528 1.57 -5.14 8.71
N ALA A 529 2.25 -4.21 8.03
CA ALA A 529 2.11 -2.80 8.39
C ALA A 529 0.66 -2.34 8.30
N PHE A 530 -0.06 -2.82 7.29
CA PHE A 530 -1.47 -2.47 7.16
C PHE A 530 -2.30 -3.08 8.29
N TRP A 531 -2.13 -4.38 8.55
CA TRP A 531 -2.96 -5.06 9.53
C TRP A 531 -2.60 -4.62 10.95
N ASN A 532 -1.31 -4.58 11.27
CA ASN A 532 -0.88 -4.34 12.64
C ASN A 532 -0.87 -2.87 13.01
N ARG A 533 -0.66 -1.98 12.04
CA ARG A 533 -0.45 -0.56 12.31
C ARG A 533 -1.59 0.32 11.79
N PHE A 534 -1.84 0.32 10.49
CA PHE A 534 -2.80 1.29 9.94
C PHE A 534 -4.24 0.90 10.27
N LEU A 535 -4.60 -0.37 10.08
CA LEU A 535 -6.01 -0.75 10.19
C LEU A 535 -6.61 -0.44 11.56
N PRO A 536 -5.95 -0.72 12.69
CA PRO A 536 -6.55 -0.33 13.98
C PRO A 536 -6.80 1.16 14.09
N LYS A 537 -5.87 1.97 13.56
CA LYS A 537 -6.08 3.40 13.50
C LYS A 537 -7.33 3.75 12.68
N LEU A 538 -7.52 3.06 11.55
CA LEU A 538 -8.71 3.28 10.73
C LEU A 538 -9.98 2.96 11.51
N LEU A 539 -10.01 1.78 12.15
CA LEU A 539 -11.19 1.39 12.91
C LEU A 539 -11.44 2.32 14.09
N SER A 540 -10.37 2.76 14.74
CA SER A 540 -10.51 3.62 15.92
C SER A 540 -10.97 5.03 15.58
N ALA A 541 -10.88 5.45 14.31
CA ALA A 541 -11.25 6.79 13.92
C ALA A 541 -12.45 6.82 12.98
N THR A 542 -13.01 5.67 12.64
CA THR A 542 -14.26 5.61 11.89
C THR A 542 -15.26 4.72 12.63
N GLU B 3 15.86 40.09 -44.47
CA GLU B 3 16.11 41.07 -45.53
C GLU B 3 15.06 40.99 -46.63
N ASP B 4 14.04 40.17 -46.39
CA ASP B 4 13.05 39.86 -47.40
C ASP B 4 11.68 40.42 -47.01
N ALA B 5 10.66 39.99 -47.73
CA ALA B 5 9.29 40.43 -47.49
C ALA B 5 8.54 39.49 -46.57
N GLU B 6 9.13 38.33 -46.27
CA GLU B 6 8.55 37.39 -45.33
C GLU B 6 8.49 37.98 -43.92
N LEU B 7 9.26 39.05 -43.67
CA LEU B 7 9.34 39.66 -42.34
C LEU B 7 8.44 40.87 -42.18
N LEU B 8 7.64 41.22 -43.18
CA LEU B 8 6.58 42.22 -43.02
C LEU B 8 5.25 41.53 -43.25
N VAL B 9 4.47 41.40 -42.20
CA VAL B 9 3.14 40.80 -42.24
C VAL B 9 2.17 41.80 -41.60
N THR B 10 0.91 41.72 -42.00
CA THR B 10 -0.13 42.59 -41.45
C THR B 10 -1.21 41.71 -40.85
N VAL B 11 -1.48 41.92 -39.55
CA VAL B 11 -2.53 41.20 -38.86
C VAL B 11 -3.72 42.14 -38.79
N ARG B 12 -4.84 41.69 -38.22
CA ARG B 12 -6.06 42.49 -38.27
C ARG B 12 -5.93 43.85 -37.60
N GLY B 13 -4.86 44.09 -36.84
CA GLY B 13 -4.77 45.33 -36.09
C GLY B 13 -3.73 46.30 -36.58
N GLY B 14 -2.90 45.87 -37.52
CA GLY B 14 -1.86 46.74 -38.05
C GLY B 14 -0.73 45.95 -38.66
N ARG B 15 0.32 46.69 -39.02
CA ARG B 15 1.49 46.15 -39.68
C ARG B 15 2.53 45.72 -38.64
N LEU B 16 3.29 44.69 -38.99
CA LEU B 16 4.31 44.12 -38.10
C LEU B 16 5.65 44.05 -38.82
N ARG B 17 6.72 44.12 -38.02
CA ARG B 17 8.10 44.04 -38.52
C ARG B 17 8.81 42.93 -37.76
N GLY B 18 9.14 41.84 -38.47
CA GLY B 18 9.71 40.66 -37.85
C GLY B 18 11.23 40.63 -37.85
N ILE B 19 11.76 39.43 -37.54
CA ILE B 19 13.18 39.13 -37.61
C ILE B 19 13.41 37.76 -38.21
N ARG B 20 14.52 37.63 -38.94
CA ARG B 20 15.01 36.34 -39.41
C ARG B 20 15.87 35.71 -38.32
N LEU B 21 15.51 34.49 -37.92
CA LEU B 21 16.21 33.77 -36.88
C LEU B 21 17.04 32.65 -37.49
N LYS B 22 18.16 32.34 -36.83
CA LYS B 22 19.16 31.43 -37.36
C LYS B 22 19.14 30.10 -36.62
N THR B 23 19.03 29.01 -37.38
CA THR B 23 19.31 27.67 -36.92
C THR B 23 20.42 27.09 -37.79
N PRO B 24 21.09 26.02 -37.34
CA PRO B 24 21.99 25.28 -38.24
C PRO B 24 21.32 24.88 -39.55
N GLY B 25 20.21 24.15 -39.45
CA GLY B 25 19.51 23.64 -40.60
C GLY B 25 18.86 24.68 -41.50
N GLY B 26 18.87 25.95 -41.09
CA GLY B 26 18.28 27.00 -41.88
C GLY B 26 17.66 28.11 -41.05
N PRO B 27 16.98 29.03 -41.71
CA PRO B 27 16.38 30.18 -41.02
C PRO B 27 14.89 30.06 -40.75
N VAL B 28 14.39 30.78 -39.73
CA VAL B 28 12.97 30.98 -39.54
C VAL B 28 12.73 32.46 -39.34
N SER B 29 11.50 32.88 -39.59
CA SER B 29 11.09 34.26 -39.41
C SER B 29 10.15 34.32 -38.21
N ALA B 30 10.37 35.31 -37.34
CA ALA B 30 9.68 35.36 -36.06
C ALA B 30 9.14 36.76 -35.81
N PHE B 31 7.98 36.82 -35.15
CA PHE B 31 7.32 38.10 -34.84
C PHE B 31 7.07 38.15 -33.34
N LEU B 32 7.93 38.87 -32.62
CA LEU B 32 7.96 38.87 -31.16
C LEU B 32 7.34 40.15 -30.59
N GLY B 33 6.62 40.01 -29.50
CA GLY B 33 6.10 41.16 -28.81
C GLY B 33 4.90 41.77 -29.49
N ILE B 34 4.03 40.94 -30.06
CA ILE B 34 2.85 41.41 -30.76
C ILE B 34 1.80 41.74 -29.69
N PRO B 35 1.40 43.01 -29.55
CA PRO B 35 0.33 43.33 -28.60
C PRO B 35 -0.97 42.67 -28.99
N PHE B 36 -1.50 41.81 -28.11
CA PHE B 36 -2.81 41.21 -28.35
C PHE B 36 -3.86 41.68 -27.36
N ALA B 37 -3.50 42.57 -26.43
CA ALA B 37 -4.46 43.11 -25.48
C ALA B 37 -4.04 44.50 -25.05
N GLU B 38 -5.03 45.32 -24.73
CA GLU B 38 -4.78 46.61 -24.12
C GLU B 38 -4.11 46.40 -22.76
N PRO B 39 -3.08 47.18 -22.44
CA PRO B 39 -2.29 46.92 -21.21
C PRO B 39 -3.18 46.92 -19.97
N PRO B 40 -3.09 45.86 -19.16
CA PRO B 40 -3.94 45.73 -17.95
C PRO B 40 -3.38 46.50 -16.76
N MET B 41 -3.41 47.84 -16.86
CA MET B 41 -2.78 48.71 -15.89
C MET B 41 -3.83 49.54 -15.15
N GLY B 42 -3.47 49.99 -13.95
CA GLY B 42 -4.31 50.86 -13.16
C GLY B 42 -5.65 50.22 -12.83
N PRO B 43 -6.73 50.80 -13.35
CA PRO B 43 -8.05 50.19 -13.16
C PRO B 43 -8.22 48.88 -13.91
N ARG B 44 -7.36 48.58 -14.88
CA ARG B 44 -7.44 47.32 -15.59
C ARG B 44 -6.78 46.17 -14.83
N ARG B 45 -6.11 46.45 -13.73
CA ARG B 45 -5.55 45.39 -12.90
C ARG B 45 -6.68 44.56 -12.29
N PHE B 46 -6.51 43.24 -12.31
CA PHE B 46 -7.48 42.23 -11.88
C PHE B 46 -8.69 42.12 -12.81
N LEU B 47 -8.69 42.80 -13.96
CA LEU B 47 -9.86 42.80 -14.81
C LEU B 47 -9.65 41.93 -16.05
N PRO B 48 -10.71 41.35 -16.60
CA PRO B 48 -10.59 40.55 -17.82
C PRO B 48 -9.97 41.38 -18.94
N PRO B 49 -9.16 40.76 -19.78
CA PRO B 49 -8.40 41.53 -20.78
C PRO B 49 -9.29 42.10 -21.86
N GLU B 50 -8.85 43.22 -22.43
CA GLU B 50 -9.56 43.81 -23.55
C GLU B 50 -8.72 43.77 -24.81
N PRO B 51 -9.34 43.47 -25.95
CA PRO B 51 -8.57 43.30 -27.20
C PRO B 51 -7.78 44.56 -27.55
N LYS B 52 -6.55 44.34 -27.99
CA LYS B 52 -5.67 45.44 -28.39
C LYS B 52 -6.34 46.28 -29.46
N GLN B 53 -6.48 47.57 -29.20
CA GLN B 53 -7.08 48.45 -30.19
C GLN B 53 -6.13 48.58 -31.38
N PRO B 54 -6.66 48.76 -32.60
CA PRO B 54 -5.78 48.80 -33.78
C PRO B 54 -4.86 50.01 -33.75
N TRP B 55 -3.72 49.89 -34.44
CA TRP B 55 -2.66 50.87 -34.34
C TRP B 55 -2.26 51.35 -35.72
N SER B 56 -1.97 52.66 -35.81
CA SER B 56 -1.36 53.24 -37.00
C SER B 56 0.14 52.95 -37.03
N GLY B 57 0.68 52.85 -38.23
CA GLY B 57 2.09 52.62 -38.42
C GLY B 57 2.43 51.15 -38.35
N VAL B 58 3.72 50.87 -38.18
CA VAL B 58 4.22 49.50 -38.06
C VAL B 58 4.72 49.29 -36.64
N VAL B 59 4.31 48.16 -36.05
CA VAL B 59 4.79 47.77 -34.72
C VAL B 59 6.12 47.05 -34.86
N ASP B 60 7.10 47.48 -34.06
CA ASP B 60 8.38 46.77 -33.96
C ASP B 60 8.14 45.43 -33.27
N ALA B 61 8.15 44.35 -34.05
CA ALA B 61 8.00 43.00 -33.54
C ALA B 61 9.32 42.24 -33.57
N THR B 62 10.41 42.94 -33.24
CA THR B 62 11.74 42.36 -33.35
C THR B 62 12.33 41.84 -32.04
N THR B 63 11.82 42.26 -30.89
CA THR B 63 12.39 41.80 -29.62
C THR B 63 11.28 41.35 -28.69
N PHE B 64 11.65 40.50 -27.72
CA PHE B 64 10.69 40.03 -26.75
C PHE B 64 10.17 41.18 -25.90
N GLN B 65 8.88 41.15 -25.62
CA GLN B 65 8.27 42.15 -24.75
C GLN B 65 8.45 41.74 -23.29
N SER B 66 7.79 42.47 -22.40
CA SER B 66 8.05 42.35 -20.97
C SER B 66 7.51 41.03 -20.41
N VAL B 67 7.93 40.74 -19.19
CA VAL B 67 7.47 39.59 -18.42
C VAL B 67 6.42 40.08 -17.44
N CYS B 68 5.34 39.32 -17.28
CA CYS B 68 4.31 39.67 -16.30
C CYS B 68 4.89 39.64 -14.90
N TYR B 69 4.43 40.58 -14.06
CA TYR B 69 5.00 40.77 -12.74
C TYR B 69 4.90 39.50 -11.91
N GLN B 70 6.03 39.08 -11.34
CA GLN B 70 6.08 37.80 -10.65
C GLN B 70 7.23 37.78 -9.65
N TYR B 71 7.08 36.91 -8.66
CA TYR B 71 8.18 36.57 -7.77
C TYR B 71 9.37 36.05 -8.56
N VAL B 72 10.56 36.51 -8.18
CA VAL B 72 11.80 35.99 -8.74
C VAL B 72 12.40 35.08 -7.69
N ASP B 73 13.02 34.00 -8.14
CA ASP B 73 13.45 32.93 -7.24
C ASP B 73 14.82 33.31 -6.70
N THR B 74 14.89 33.54 -5.39
CA THR B 74 16.12 33.97 -4.74
C THR B 74 16.74 32.86 -3.91
N LEU B 75 16.37 31.61 -4.20
CA LEU B 75 16.86 30.47 -3.44
C LEU B 75 18.33 30.19 -3.72
N TYR B 76 18.70 30.05 -4.98
CA TYR B 76 20.07 29.70 -5.38
C TYR B 76 20.56 30.71 -6.41
N PRO B 77 20.96 31.91 -5.98
CA PRO B 77 21.33 32.94 -6.95
C PRO B 77 22.49 32.49 -7.84
N GLY B 78 22.35 32.79 -9.13
CA GLY B 78 23.36 32.42 -10.11
C GLY B 78 23.35 30.97 -10.55
N PHE B 79 22.49 30.14 -9.98
CA PHE B 79 22.45 28.73 -10.31
C PHE B 79 21.63 28.52 -11.58
N GLU B 80 22.22 27.84 -12.57
CA GLU B 80 21.54 27.66 -13.84
C GLU B 80 20.21 26.94 -13.65
N GLY B 81 20.13 26.04 -12.67
CA GLY B 81 18.89 25.30 -12.44
C GLY B 81 17.72 26.18 -12.06
N THR B 82 17.95 27.19 -11.23
CA THR B 82 16.87 28.08 -10.81
C THR B 82 16.78 29.32 -11.69
N GLU B 83 17.91 29.82 -12.18
CA GLU B 83 17.88 30.99 -13.05
C GLU B 83 17.28 30.67 -14.42
N MET B 84 17.24 29.39 -14.79
CA MET B 84 16.66 29.00 -16.07
C MET B 84 15.23 29.44 -16.22
N TRP B 85 14.47 29.45 -15.12
CA TRP B 85 13.06 29.80 -15.15
C TRP B 85 12.80 31.23 -14.74
N ASN B 86 13.82 31.95 -14.31
CA ASN B 86 13.58 33.28 -13.78
C ASN B 86 13.34 34.25 -14.93
N PRO B 87 12.61 35.35 -14.67
CA PRO B 87 12.30 36.28 -15.76
C PRO B 87 13.56 36.87 -16.38
N ASN B 88 13.65 36.76 -17.70
CA ASN B 88 14.78 37.26 -18.48
C ASN B 88 14.40 38.46 -19.35
N ARG B 89 13.42 39.24 -18.91
CA ARG B 89 13.13 40.55 -19.49
C ARG B 89 12.64 41.45 -18.36
N GLU B 90 12.54 42.75 -18.66
CA GLU B 90 12.03 43.69 -17.67
C GLU B 90 10.62 43.29 -17.24
N LEU B 91 10.37 43.39 -15.93
CA LEU B 91 9.03 43.13 -15.41
C LEU B 91 8.12 44.33 -15.62
N SER B 92 6.86 44.05 -15.94
CA SER B 92 5.85 45.09 -16.09
C SER B 92 4.47 44.44 -16.02
N GLU B 93 3.49 45.22 -15.59
CA GLU B 93 2.10 44.79 -15.75
C GLU B 93 1.67 44.90 -17.20
N ASP B 94 2.42 45.64 -18.01
CA ASP B 94 2.23 45.71 -19.46
C ASP B 94 3.00 44.55 -20.08
N CYS B 95 2.34 43.40 -20.15
CA CYS B 95 3.01 42.17 -20.56
C CYS B 95 2.18 41.34 -21.53
N LEU B 96 0.99 41.81 -21.93
CA LEU B 96 0.10 41.01 -22.77
C LEU B 96 0.51 41.15 -24.23
N TYR B 97 1.60 40.46 -24.55
CA TYR B 97 2.13 40.38 -25.91
C TYR B 97 2.31 38.91 -26.26
N LEU B 98 2.35 38.61 -27.57
CA LEU B 98 2.55 37.23 -28.00
C LEU B 98 3.58 37.16 -29.12
N ASN B 99 3.98 35.94 -29.47
CA ASN B 99 5.06 35.69 -30.42
C ASN B 99 4.63 34.63 -31.42
N VAL B 100 5.10 34.76 -32.67
CA VAL B 100 4.85 33.79 -33.73
C VAL B 100 6.16 33.43 -34.40
N TRP B 101 6.43 32.12 -34.51
CA TRP B 101 7.46 31.57 -35.38
C TRP B 101 6.81 30.92 -36.58
N THR B 102 7.45 31.03 -37.75
CA THR B 102 6.92 30.44 -38.98
C THR B 102 8.09 30.04 -39.86
N PRO B 103 7.94 29.00 -40.68
CA PRO B 103 9.06 28.53 -41.51
C PRO B 103 9.47 29.54 -42.58
N TYR B 104 10.74 29.47 -42.97
CA TYR B 104 11.23 30.31 -44.04
C TYR B 104 10.72 29.74 -45.37
N PRO B 105 10.62 30.58 -46.43
CA PRO B 105 9.45 30.50 -47.30
C PRO B 105 8.24 29.93 -46.57
N ARG B 106 7.41 30.83 -46.07
CA ARG B 106 6.21 30.45 -45.34
C ARG B 106 5.44 29.43 -46.16
N PRO B 107 4.99 28.34 -45.55
CA PRO B 107 4.42 27.22 -46.31
C PRO B 107 3.36 27.68 -47.31
N THR B 108 3.36 27.04 -48.47
CA THR B 108 2.38 27.36 -49.50
C THR B 108 0.99 26.94 -49.07
N SER B 109 0.89 25.84 -48.35
CA SER B 109 -0.31 25.20 -47.83
C SER B 109 -0.64 25.69 -46.43
N PRO B 110 -1.91 25.59 -46.03
CA PRO B 110 -2.26 25.77 -44.62
C PRO B 110 -1.56 24.70 -43.77
N THR B 111 -0.74 25.16 -42.84
CA THR B 111 0.03 24.28 -41.96
C THR B 111 -0.51 24.32 -40.53
N PRO B 112 -0.46 23.20 -39.81
CA PRO B 112 -0.91 23.17 -38.42
C PRO B 112 -0.01 24.02 -37.53
N VAL B 113 -0.62 24.57 -36.48
CA VAL B 113 0.04 25.50 -35.57
C VAL B 113 0.07 24.92 -34.17
N LEU B 114 1.21 25.05 -33.50
CA LEU B 114 1.37 24.69 -32.11
C LEU B 114 1.35 25.96 -31.25
N VAL B 115 0.55 25.94 -30.18
CA VAL B 115 0.48 27.04 -29.22
C VAL B 115 1.02 26.56 -27.89
N TRP B 116 1.95 27.33 -27.32
CA TRP B 116 2.64 26.97 -26.09
C TRP B 116 2.18 27.84 -24.93
N ILE B 117 1.85 27.21 -23.81
CA ILE B 117 1.46 27.89 -22.58
C ILE B 117 2.45 27.49 -21.49
N TYR B 118 3.18 28.47 -20.97
CA TYR B 118 4.27 28.18 -20.05
C TYR B 118 3.75 27.83 -18.67
N GLY B 119 4.56 27.09 -17.91
CA GLY B 119 4.25 26.70 -16.54
C GLY B 119 4.89 27.60 -15.52
N GLY B 120 4.95 27.09 -14.28
CA GLY B 120 5.45 27.86 -13.14
C GLY B 120 4.34 28.16 -12.14
N GLY B 121 3.56 27.14 -11.81
CA GLY B 121 2.54 27.20 -10.77
C GLY B 121 1.66 28.44 -10.75
N PHE B 122 1.37 29.02 -11.91
CA PHE B 122 0.48 30.19 -12.06
C PHE B 122 1.00 31.42 -11.31
N TYR B 123 2.27 31.44 -10.93
CA TYR B 123 2.85 32.59 -10.23
C TYR B 123 4.09 33.13 -10.92
N SER B 124 4.51 32.52 -12.03
CA SER B 124 5.77 32.82 -12.68
C SER B 124 5.68 32.34 -14.13
N GLY B 125 6.73 32.60 -14.88
CA GLY B 125 6.86 32.08 -16.22
C GLY B 125 6.74 33.18 -17.28
N ALA B 126 7.34 32.91 -18.43
CA ALA B 126 7.29 33.83 -19.55
C ALA B 126 7.67 33.09 -20.82
N SER B 127 7.09 33.53 -21.93
CA SER B 127 7.48 33.01 -23.22
C SER B 127 8.89 33.43 -23.60
N SER B 128 9.43 34.46 -22.93
CA SER B 128 10.75 34.99 -23.25
C SER B 128 11.90 34.09 -22.83
N LEU B 129 11.62 33.00 -22.12
CA LEU B 129 12.67 32.10 -21.65
C LEU B 129 13.36 31.41 -22.81
N ASP B 130 14.67 31.18 -22.63
CA ASP B 130 15.49 30.59 -23.67
C ASP B 130 15.02 29.19 -24.04
N VAL B 131 14.56 28.41 -23.05
CA VAL B 131 14.17 27.03 -23.29
C VAL B 131 12.83 26.92 -24.00
N TYR B 132 12.12 28.04 -24.20
CA TYR B 132 10.87 28.07 -24.95
C TYR B 132 11.06 28.68 -26.33
N ASP B 133 12.31 28.74 -26.79
CA ASP B 133 12.63 29.27 -28.11
C ASP B 133 12.03 28.36 -29.16
N GLY B 134 11.12 28.90 -29.98
CA GLY B 134 10.41 28.06 -30.91
C GLY B 134 11.20 27.70 -32.15
N ARG B 135 12.21 28.50 -32.48
CA ARG B 135 12.83 28.48 -33.81
C ARG B 135 13.27 27.09 -34.30
N PHE B 136 13.73 26.21 -33.42
CA PHE B 136 14.28 24.94 -33.90
C PHE B 136 13.21 23.98 -34.43
N LEU B 137 12.08 23.82 -33.71
CA LEU B 137 11.11 22.85 -34.19
C LEU B 137 10.25 23.41 -35.32
N VAL B 138 10.05 24.73 -35.35
CA VAL B 138 9.35 25.35 -36.47
C VAL B 138 10.23 25.27 -37.72
N GLN B 139 11.55 25.23 -37.53
CA GLN B 139 12.48 25.00 -38.63
C GLN B 139 12.55 23.53 -39.02
N ALA B 140 12.67 22.65 -38.01
CA ALA B 140 12.84 21.22 -38.27
C ALA B 140 11.59 20.59 -38.85
N GLU B 141 10.41 21.01 -38.38
CA GLU B 141 9.18 20.27 -38.66
C GLU B 141 8.12 21.02 -39.45
N ARG B 142 8.39 22.25 -39.91
CA ARG B 142 7.49 22.95 -40.85
C ARG B 142 6.09 23.12 -40.24
N THR B 143 6.04 23.54 -38.99
CA THR B 143 4.80 23.99 -38.37
C THR B 143 4.98 25.46 -38.00
N VAL B 144 3.88 26.15 -37.78
CA VAL B 144 3.91 27.48 -37.18
C VAL B 144 3.67 27.33 -35.68
N LEU B 145 4.35 28.16 -34.88
CA LEU B 145 4.29 28.07 -33.43
C LEU B 145 3.95 29.42 -32.83
N VAL B 146 3.01 29.43 -31.90
CA VAL B 146 2.61 30.63 -31.18
C VAL B 146 2.83 30.41 -29.69
N SER B 147 3.27 31.45 -28.99
CA SER B 147 3.33 31.45 -27.54
C SER B 147 2.89 32.82 -27.06
N MET B 148 2.36 32.88 -25.83
CA MET B 148 1.84 34.13 -25.32
C MET B 148 2.18 34.27 -23.84
N ASN B 149 2.21 35.52 -23.38
CA ASN B 149 2.30 35.84 -21.96
C ASN B 149 0.89 35.99 -21.38
N TYR B 150 0.69 35.42 -20.19
CA TYR B 150 -0.53 35.63 -19.44
C TYR B 150 -0.18 36.07 -18.02
N ARG B 151 -1.07 36.87 -17.44
CA ARG B 151 -0.86 37.35 -16.08
C ARG B 151 -0.77 36.19 -15.10
N VAL B 152 0.17 36.30 -14.16
CA VAL B 152 0.36 35.28 -13.14
C VAL B 152 0.22 35.92 -11.77
N GLY B 153 0.39 35.14 -10.71
CA GLY B 153 0.19 35.61 -9.36
C GLY B 153 -1.19 36.20 -9.18
N ALA B 154 -1.29 37.14 -8.23
CA ALA B 154 -2.54 37.84 -7.99
C ALA B 154 -3.00 38.63 -9.20
N PHE B 155 -2.06 39.02 -10.06
CA PHE B 155 -2.41 39.79 -11.25
C PHE B 155 -3.24 38.96 -12.22
N GLY B 156 -3.08 37.64 -12.20
CA GLY B 156 -3.84 36.78 -13.08
C GLY B 156 -4.94 36.00 -12.40
N PHE B 157 -4.86 35.85 -11.07
CA PHE B 157 -5.75 34.88 -10.41
C PHE B 157 -6.24 35.29 -9.03
N LEU B 158 -6.03 36.53 -8.58
CA LEU B 158 -6.76 37.01 -7.41
C LEU B 158 -8.23 37.13 -7.75
N ALA B 159 -9.08 36.68 -6.83
CA ALA B 159 -10.51 36.72 -7.08
C ALA B 159 -11.28 36.97 -5.78
N LEU B 160 -12.25 37.89 -5.85
CA LEU B 160 -13.36 37.96 -4.91
C LEU B 160 -14.58 37.47 -5.68
N PRO B 161 -14.89 36.18 -5.62
CA PRO B 161 -15.95 35.64 -6.50
C PRO B 161 -17.27 36.36 -6.27
N GLY B 162 -17.91 36.74 -7.37
CA GLY B 162 -19.09 37.57 -7.36
C GLY B 162 -18.83 39.03 -7.65
N SER B 163 -17.64 39.53 -7.34
CA SER B 163 -17.30 40.93 -7.61
C SER B 163 -17.14 41.16 -9.10
N ARG B 164 -17.37 42.41 -9.52
CA ARG B 164 -17.13 42.78 -10.91
C ARG B 164 -15.68 43.19 -11.17
N GLU B 165 -14.94 43.53 -10.13
CA GLU B 165 -13.61 44.12 -10.30
C GLU B 165 -12.47 43.13 -10.12
N ALA B 166 -12.72 41.99 -9.48
CA ALA B 166 -11.74 40.91 -9.38
C ALA B 166 -12.44 39.57 -9.53
N PRO B 167 -12.87 39.23 -10.75
CA PRO B 167 -13.71 38.03 -10.92
C PRO B 167 -12.93 36.73 -10.96
N GLY B 168 -11.62 36.79 -11.20
CA GLY B 168 -10.79 35.60 -11.23
C GLY B 168 -10.55 35.07 -12.63
N ASN B 169 -9.56 34.17 -12.72
CA ASN B 169 -9.22 33.46 -13.95
C ASN B 169 -8.91 34.40 -15.11
N VAL B 170 -8.54 35.65 -14.81
CA VAL B 170 -8.25 36.59 -15.89
C VAL B 170 -6.94 36.23 -16.57
N GLY B 171 -6.08 35.46 -15.90
CA GLY B 171 -4.92 34.91 -16.59
C GLY B 171 -5.31 33.88 -17.62
N LEU B 172 -6.34 33.08 -17.33
CA LEU B 172 -6.89 32.19 -18.34
C LEU B 172 -7.61 32.97 -19.45
N LEU B 173 -8.34 34.02 -19.08
CA LEU B 173 -8.96 34.86 -20.10
C LEU B 173 -7.91 35.54 -20.97
N ASP B 174 -6.76 35.88 -20.38
CA ASP B 174 -5.62 36.32 -21.17
C ASP B 174 -5.27 35.29 -22.23
N GLN B 175 -5.16 34.02 -21.82
CA GLN B 175 -4.83 32.94 -22.76
C GLN B 175 -5.91 32.79 -23.82
N ARG B 176 -7.17 32.73 -23.39
CA ARG B 176 -8.27 32.59 -24.35
C ARG B 176 -8.24 33.69 -25.39
N LEU B 177 -7.98 34.93 -24.96
CA LEU B 177 -7.86 36.04 -25.91
C LEU B 177 -6.77 35.77 -26.93
N ALA B 178 -5.64 35.21 -26.50
CA ALA B 178 -4.56 34.91 -27.43
C ALA B 178 -4.95 33.81 -28.41
N LEU B 179 -5.78 32.84 -27.97
CA LEU B 179 -6.21 31.78 -28.87
C LEU B 179 -7.15 32.31 -29.97
N GLN B 180 -8.15 33.10 -29.59
CA GLN B 180 -8.98 33.74 -30.62
C GLN B 180 -8.15 34.65 -31.52
N TRP B 181 -7.03 35.19 -31.02
CA TRP B 181 -6.15 36.00 -31.87
C TRP B 181 -5.57 35.16 -32.99
N VAL B 182 -5.14 33.92 -32.68
CA VAL B 182 -4.60 33.07 -33.74
C VAL B 182 -5.74 32.61 -34.64
N GLN B 183 -6.94 32.45 -34.08
CA GLN B 183 -8.11 32.16 -34.89
C GLN B 183 -8.30 33.20 -35.98
N GLU B 184 -8.01 34.47 -35.66
CA GLU B 184 -8.15 35.55 -36.64
C GLU B 184 -6.90 35.81 -37.48
N ASN B 185 -5.72 35.43 -37.00
CA ASN B 185 -4.49 35.98 -37.57
C ASN B 185 -3.41 34.98 -37.90
N VAL B 186 -3.49 33.72 -37.44
CA VAL B 186 -2.43 32.78 -37.76
C VAL B 186 -2.41 32.47 -39.25
N ALA B 187 -3.52 32.71 -39.94
CA ALA B 187 -3.54 32.53 -41.40
C ALA B 187 -2.54 33.45 -42.07
N ALA B 188 -2.35 34.67 -41.54
CA ALA B 188 -1.41 35.63 -42.11
C ALA B 188 0.03 35.14 -42.06
N PHE B 189 0.30 34.04 -41.37
CA PHE B 189 1.65 33.51 -41.21
C PHE B 189 1.83 32.14 -41.85
N GLY B 190 0.80 31.62 -42.53
CA GLY B 190 0.84 30.28 -43.08
C GLY B 190 0.13 29.24 -42.25
N GLY B 191 -0.49 29.64 -41.14
CA GLY B 191 -1.11 28.70 -40.22
C GLY B 191 -2.55 28.40 -40.57
N ASP B 192 -3.00 27.21 -40.16
CA ASP B 192 -4.35 26.73 -40.42
C ASP B 192 -5.18 26.90 -39.15
N PRO B 193 -6.06 27.91 -39.07
CA PRO B 193 -6.91 28.06 -37.87
C PRO B 193 -7.70 26.81 -37.49
N THR B 194 -7.92 25.91 -38.45
CA THR B 194 -8.76 24.74 -38.23
C THR B 194 -7.97 23.49 -37.81
N SER B 195 -6.66 23.61 -37.57
CA SER B 195 -5.92 22.52 -36.90
C SER B 195 -4.81 23.19 -36.07
N VAL B 196 -5.14 23.50 -34.81
CA VAL B 196 -4.23 24.11 -33.86
C VAL B 196 -4.16 23.25 -32.62
N THR B 197 -2.94 22.95 -32.17
CA THR B 197 -2.69 22.08 -31.03
C THR B 197 -2.04 22.86 -29.88
N LEU B 198 -2.65 22.81 -28.70
CA LEU B 198 -2.09 23.41 -27.50
C LEU B 198 -1.10 22.45 -26.85
N PHE B 199 0.06 22.97 -26.42
CA PHE B 199 0.94 22.19 -25.56
C PHE B 199 1.54 23.07 -24.48
N GLY B 200 1.72 22.49 -23.30
CA GLY B 200 2.16 23.23 -22.13
C GLY B 200 2.64 22.30 -21.05
N GLU B 201 3.42 22.86 -20.12
CA GLU B 201 4.01 22.10 -19.03
C GLU B 201 3.45 22.57 -17.70
N SER B 202 3.21 21.62 -16.78
CA SER B 202 2.67 21.89 -15.44
C SER B 202 1.51 22.87 -15.48
N ALA B 203 1.68 24.04 -14.86
CA ALA B 203 0.61 25.05 -14.85
C ALA B 203 0.16 25.38 -16.26
N GLY B 204 1.08 25.32 -17.22
CA GLY B 204 0.66 25.37 -18.61
C GLY B 204 -0.17 24.16 -18.98
N ALA B 205 0.32 22.96 -18.64
CA ALA B 205 -0.44 21.74 -18.88
C ALA B 205 -1.79 21.77 -18.18
N ALA B 206 -1.82 22.29 -16.96
CA ALA B 206 -3.10 22.41 -16.26
C ALA B 206 -4.03 23.37 -16.99
N SER B 207 -3.51 24.48 -17.51
CA SER B 207 -4.34 25.45 -18.21
C SER B 207 -4.88 24.90 -19.54
N VAL B 208 -4.04 24.23 -20.35
CA VAL B 208 -4.58 23.60 -21.55
C VAL B 208 -5.64 22.58 -21.18
N GLY B 209 -5.41 21.83 -20.10
CA GLY B 209 -6.46 20.95 -19.58
C GLY B 209 -7.71 21.72 -19.23
N MET B 210 -7.55 22.87 -18.59
CA MET B 210 -8.71 23.67 -18.19
C MET B 210 -9.40 24.29 -19.40
N HIS B 211 -8.66 24.54 -20.48
CA HIS B 211 -9.27 25.07 -21.70
C HIS B 211 -10.21 24.07 -22.37
N LEU B 212 -9.85 22.78 -22.38
CA LEU B 212 -10.74 21.81 -22.98
C LEU B 212 -11.96 21.51 -22.12
N LEU B 213 -12.01 22.01 -20.88
CA LEU B 213 -13.18 21.87 -20.02
C LEU B 213 -14.01 23.14 -19.95
N SER B 214 -13.64 24.16 -20.73
CA SER B 214 -14.37 25.43 -20.80
C SER B 214 -14.86 25.59 -22.23
N PRO B 215 -16.16 25.41 -22.49
CA PRO B 215 -16.67 25.38 -23.87
C PRO B 215 -16.18 26.53 -24.74
N PRO B 216 -16.19 27.80 -24.25
CA PRO B 216 -15.77 28.91 -25.13
C PRO B 216 -14.32 28.83 -25.59
N SER B 217 -13.59 27.80 -25.17
CA SER B 217 -12.22 27.61 -25.62
C SER B 217 -12.07 26.44 -26.58
N ARG B 218 -13.01 25.49 -26.56
CA ARG B 218 -12.96 24.33 -27.43
C ARG B 218 -13.18 24.68 -28.89
N GLY B 219 -13.77 25.83 -29.19
CA GLY B 219 -13.81 26.27 -30.58
C GLY B 219 -12.51 26.84 -31.08
N LEU B 220 -11.47 26.86 -30.25
CA LEU B 220 -10.23 27.54 -30.55
C LEU B 220 -9.05 26.59 -30.73
N PHE B 221 -9.26 25.28 -30.60
CA PHE B 221 -8.19 24.31 -30.81
C PHE B 221 -8.80 22.93 -31.01
N HIS B 222 -7.96 22.01 -31.48
CA HIS B 222 -8.41 20.69 -31.90
C HIS B 222 -7.63 19.55 -31.27
N ARG B 223 -6.40 19.77 -30.82
CA ARG B 223 -5.59 18.76 -30.16
C ARG B 223 -4.95 19.39 -28.93
N ALA B 224 -4.53 18.55 -27.99
CA ALA B 224 -4.07 19.04 -26.70
C ALA B 224 -2.93 18.16 -26.20
N VAL B 225 -1.84 18.81 -25.77
CA VAL B 225 -0.70 18.12 -25.16
C VAL B 225 -0.53 18.65 -23.74
N LEU B 226 -0.50 17.74 -22.78
CA LEU B 226 -0.37 18.08 -21.36
C LEU B 226 0.89 17.41 -20.82
N GLN B 227 1.94 18.21 -20.60
CA GLN B 227 3.22 17.70 -20.12
C GLN B 227 3.35 17.98 -18.63
N SER B 228 3.29 16.92 -17.83
CA SER B 228 3.55 16.99 -16.39
C SER B 228 2.61 17.98 -15.69
N GLY B 229 1.32 17.88 -16.01
CA GLY B 229 0.32 18.72 -15.36
C GLY B 229 -1.09 18.32 -15.76
N ALA B 230 -2.05 18.61 -14.88
CA ALA B 230 -3.44 18.26 -15.13
C ALA B 230 -4.32 19.26 -14.41
N PRO B 231 -5.51 19.56 -14.95
CA PRO B 231 -6.39 20.53 -14.28
C PRO B 231 -7.01 20.01 -12.99
N ASN B 232 -7.07 18.69 -12.79
CA ASN B 232 -7.63 18.11 -11.59
C ASN B 232 -6.61 17.96 -10.46
N GLY B 233 -5.39 18.45 -10.65
CA GLY B 233 -4.38 18.44 -9.61
C GLY B 233 -4.85 19.15 -8.36
N PRO B 234 -4.35 18.70 -7.20
CA PRO B 234 -4.76 19.32 -5.93
C PRO B 234 -4.31 20.76 -5.78
N TRP B 235 -3.39 21.23 -6.62
CA TRP B 235 -2.82 22.57 -6.55
C TRP B 235 -3.37 23.52 -7.60
N ALA B 236 -4.09 23.01 -8.60
CA ALA B 236 -4.39 23.81 -9.78
C ALA B 236 -5.65 24.67 -9.66
N THR B 237 -6.52 24.37 -8.70
CA THR B 237 -7.77 25.11 -8.55
C THR B 237 -8.08 25.28 -7.07
N VAL B 238 -8.85 26.34 -6.78
CA VAL B 238 -9.34 26.59 -5.43
C VAL B 238 -10.84 26.89 -5.51
N GLY B 239 -11.52 26.66 -4.38
CA GLY B 239 -12.91 27.03 -4.28
C GLY B 239 -13.10 28.52 -4.09
N MET B 240 -14.33 28.97 -4.37
CA MET B 240 -14.68 30.38 -4.21
C MET B 240 -14.40 30.86 -2.78
N GLY B 241 -14.77 30.05 -1.78
CA GLY B 241 -14.53 30.45 -0.40
C GLY B 241 -13.06 30.60 -0.07
N GLU B 242 -12.23 29.63 -0.49
CA GLU B 242 -10.80 29.72 -0.26
C GLU B 242 -10.17 30.84 -1.07
N ALA B 243 -10.68 31.09 -2.27
CA ALA B 243 -10.12 32.17 -3.10
C ALA B 243 -10.39 33.53 -2.48
N ARG B 244 -11.61 33.74 -1.96
CA ARG B 244 -11.91 34.98 -1.26
C ARG B 244 -11.09 35.08 0.02
N ARG B 245 -10.95 33.96 0.74
CA ARG B 245 -10.15 33.95 1.96
C ARG B 245 -8.69 34.32 1.68
N ARG B 246 -8.14 33.82 0.57
CA ARG B 246 -6.75 34.12 0.23
C ARG B 246 -6.60 35.54 -0.31
N ALA B 247 -7.63 36.07 -0.97
CA ALA B 247 -7.59 37.43 -1.49
C ALA B 247 -7.72 38.46 -0.39
N THR B 248 -8.75 38.33 0.45
CA THR B 248 -8.96 39.29 1.53
C THR B 248 -7.78 39.32 2.50
N GLN B 249 -7.12 38.18 2.71
CA GLN B 249 -5.98 38.18 3.62
C GLN B 249 -4.79 38.92 3.01
N LEU B 250 -4.68 38.93 1.68
CA LEU B 250 -3.66 39.75 1.02
C LEU B 250 -3.95 41.23 1.21
N ALA B 251 -5.21 41.64 1.07
CA ALA B 251 -5.56 43.05 1.27
C ALA B 251 -5.22 43.50 2.68
N HIS B 252 -5.55 42.68 3.67
CA HIS B 252 -5.16 42.98 5.05
C HIS B 252 -3.65 43.00 5.22
N LEU B 253 -2.91 42.16 4.48
CA LEU B 253 -1.47 42.08 4.66
C LEU B 253 -0.76 43.30 4.07
N VAL B 254 -1.34 43.93 3.05
CA VAL B 254 -0.80 45.17 2.52
C VAL B 254 -1.59 46.38 3.03
N GLY B 255 -2.32 46.20 4.13
CA GLY B 255 -3.03 47.30 4.75
C GLY B 255 -4.13 47.93 3.94
N CYS B 256 -5.26 47.24 3.76
CA CYS B 256 -6.41 47.82 3.06
C CYS B 256 -7.66 47.75 3.92
N PRO B 257 -7.74 48.57 4.97
CA PRO B 257 -8.98 48.66 5.77
C PRO B 257 -10.13 49.36 5.07
N PRO B 258 -9.93 50.55 4.46
CA PRO B 258 -11.03 51.52 4.35
C PRO B 258 -12.29 50.97 3.70
N GLY B 259 -13.43 51.58 4.06
CA GLY B 259 -14.71 51.23 3.50
C GLY B 259 -15.79 52.23 3.83
N GLY B 260 -15.80 53.37 3.14
CA GLY B 260 -16.69 54.46 3.46
C GLY B 260 -18.07 54.38 2.84
N THR B 261 -18.14 53.97 1.58
CA THR B 261 -19.41 53.86 0.88
C THR B 261 -19.28 52.79 -0.20
N GLY B 262 -20.27 52.74 -1.10
CA GLY B 262 -20.26 51.75 -2.15
C GLY B 262 -20.48 50.35 -1.63
N GLY B 263 -19.50 49.47 -1.85
CA GLY B 263 -19.59 48.11 -1.38
C GLY B 263 -18.28 47.67 -0.76
N ASN B 264 -18.38 46.65 0.10
CA ASN B 264 -17.18 46.13 0.77
C ASN B 264 -16.21 45.54 -0.24
N ASP B 265 -16.72 44.80 -1.22
CA ASP B 265 -15.85 44.15 -2.19
C ASP B 265 -15.18 45.18 -3.10
N THR B 266 -15.96 46.09 -3.67
CA THR B 266 -15.43 47.04 -4.64
C THR B 266 -14.44 48.01 -4.01
N GLU B 267 -14.64 48.36 -2.73
CA GLU B 267 -13.69 49.24 -2.06
C GLU B 267 -12.41 48.49 -1.71
N LEU B 268 -12.52 47.20 -1.37
CA LEU B 268 -11.37 46.37 -1.04
C LEU B 268 -10.39 46.28 -2.20
N VAL B 269 -10.90 46.15 -3.43
CA VAL B 269 -10.04 45.94 -4.58
C VAL B 269 -9.43 47.28 -5.02
N ALA B 270 -10.20 48.37 -4.96
CA ALA B 270 -9.66 49.68 -5.30
C ALA B 270 -8.42 49.99 -4.49
N CYS B 271 -8.43 49.65 -3.19
CA CYS B 271 -7.21 49.77 -2.39
C CYS B 271 -6.09 48.92 -2.95
N LEU B 272 -6.41 47.70 -3.39
CA LEU B 272 -5.39 46.82 -3.95
C LEU B 272 -4.85 47.38 -5.26
N ARG B 273 -5.70 48.07 -6.03
CA ARG B 273 -5.26 48.67 -7.28
C ARG B 273 -4.22 49.77 -7.05
N THR B 274 -4.24 50.39 -5.86
CA THR B 274 -3.31 51.48 -5.57
C THR B 274 -1.94 50.99 -5.12
N ARG B 275 -1.86 49.82 -4.52
CA ARG B 275 -0.58 49.33 -4.02
C ARG B 275 0.36 49.00 -5.18
N PRO B 276 1.65 49.31 -5.04
CA PRO B 276 2.65 48.90 -6.04
C PRO B 276 2.65 47.39 -6.28
N ALA B 277 3.07 47.01 -7.47
CA ALA B 277 3.08 45.61 -7.86
C ALA B 277 4.03 44.77 -7.00
N GLN B 278 5.21 45.30 -6.65
CA GLN B 278 6.19 44.47 -5.94
C GLN B 278 5.81 44.20 -4.49
N VAL B 279 4.95 45.02 -3.87
CA VAL B 279 4.56 44.75 -2.50
C VAL B 279 3.54 43.61 -2.48
N LEU B 280 2.66 43.55 -3.47
CA LEU B 280 1.77 42.40 -3.60
C LEU B 280 2.56 41.12 -3.78
N VAL B 281 3.52 41.12 -4.71
CA VAL B 281 4.42 39.97 -4.89
C VAL B 281 5.06 39.57 -3.58
N ASN B 282 5.44 40.55 -2.75
CA ASN B 282 6.21 40.25 -1.55
C ASN B 282 5.40 39.51 -0.50
N HIS B 283 4.09 39.75 -0.44
CA HIS B 283 3.23 39.09 0.53
C HIS B 283 2.41 37.97 -0.09
N GLU B 284 2.78 37.54 -1.30
CA GLU B 284 2.00 36.56 -2.03
C GLU B 284 1.97 35.22 -1.30
N TRP B 285 3.15 34.70 -0.95
CA TRP B 285 3.25 33.38 -0.35
C TRP B 285 2.68 33.31 1.06
N HIS B 286 2.30 34.43 1.65
CA HIS B 286 1.81 34.45 3.02
C HIS B 286 0.32 34.15 3.15
N VAL B 287 -0.43 34.12 2.04
CA VAL B 287 -1.86 33.82 2.13
C VAL B 287 -2.11 32.32 2.03
N LEU B 288 -1.06 31.52 1.86
CA LEU B 288 -1.21 30.09 1.81
C LEU B 288 -1.69 29.59 3.17
N PRO B 289 -2.60 28.60 3.22
CA PRO B 289 -3.27 28.28 4.48
C PRO B 289 -2.41 27.49 5.46
N GLN B 290 -1.47 26.70 4.94
CA GLN B 290 -0.54 25.91 5.75
C GLN B 290 0.78 25.91 5.02
N GLU B 291 1.87 25.59 5.73
CA GLU B 291 3.18 25.56 5.09
C GLU B 291 3.28 24.30 4.23
N SER B 292 3.76 24.47 3.00
CA SER B 292 3.47 23.55 1.92
C SER B 292 4.57 23.58 0.87
N VAL B 293 4.61 22.49 0.09
CA VAL B 293 5.35 22.44 -1.16
C VAL B 293 4.35 22.10 -2.25
N PHE B 294 4.64 22.55 -3.46
CA PHE B 294 3.75 22.36 -4.62
C PHE B 294 2.37 22.94 -4.32
N ARG B 295 2.33 24.09 -3.68
CA ARG B 295 1.09 24.84 -3.52
C ARG B 295 1.39 26.30 -3.78
N PHE B 296 0.45 26.98 -4.43
CA PHE B 296 0.63 28.34 -4.88
C PHE B 296 -0.66 29.07 -4.58
N SER B 297 -0.53 30.34 -4.16
CA SER B 297 -1.65 30.98 -3.48
C SER B 297 -2.71 31.48 -4.44
N PHE B 298 -2.33 31.96 -5.63
CA PHE B 298 -3.31 32.49 -6.58
C PHE B 298 -3.30 31.62 -7.83
N VAL B 299 -4.33 30.79 -7.93
CA VAL B 299 -4.52 29.82 -9.01
C VAL B 299 -5.96 30.00 -9.48
N PRO B 300 -6.39 29.36 -10.57
CA PRO B 300 -7.78 29.54 -11.00
C PRO B 300 -8.78 29.07 -9.96
N VAL B 301 -9.96 29.66 -10.01
CA VAL B 301 -11.03 29.42 -9.04
C VAL B 301 -12.20 28.78 -9.77
N VAL B 302 -12.85 27.82 -9.11
CA VAL B 302 -14.09 27.26 -9.64
C VAL B 302 -15.18 28.28 -9.35
N ASP B 303 -15.46 29.12 -10.34
CA ASP B 303 -16.29 30.30 -10.15
C ASP B 303 -17.67 30.18 -10.75
N GLY B 304 -17.97 29.06 -11.39
CA GLY B 304 -19.19 28.92 -12.16
C GLY B 304 -19.12 29.42 -13.58
N ASP B 305 -18.25 30.37 -13.87
CA ASP B 305 -18.10 30.86 -15.23
C ASP B 305 -17.08 30.06 -16.02
N PHE B 306 -15.78 30.37 -15.87
CA PHE B 306 -14.76 29.66 -16.63
C PHE B 306 -14.85 28.16 -16.37
N LEU B 307 -14.88 27.78 -15.09
CA LEU B 307 -15.12 26.41 -14.66
C LEU B 307 -16.51 26.30 -14.02
N SER B 308 -17.48 25.75 -14.77
CA SER B 308 -18.81 25.52 -14.23
C SER B 308 -18.78 24.60 -13.01
N ASP B 309 -17.77 23.74 -12.90
CA ASP B 309 -17.65 22.80 -11.81
C ASP B 309 -16.17 22.47 -11.64
N THR B 310 -15.87 21.71 -10.60
CA THR B 310 -14.48 21.28 -10.37
C THR B 310 -13.99 20.47 -11.57
N PRO B 311 -12.72 20.60 -11.94
CA PRO B 311 -12.22 19.85 -13.10
C PRO B 311 -12.44 18.35 -13.02
N GLU B 312 -12.33 17.76 -11.82
CA GLU B 312 -12.57 16.33 -11.68
C GLU B 312 -14.02 16.00 -12.02
N ALA B 313 -14.97 16.85 -11.61
CA ALA B 313 -16.35 16.69 -12.05
C ALA B 313 -16.46 16.85 -13.56
N LEU B 314 -15.99 18.01 -14.08
CA LEU B 314 -16.09 18.31 -15.50
C LEU B 314 -15.43 17.23 -16.37
N ILE B 315 -14.37 16.60 -15.86
CA ILE B 315 -13.73 15.50 -16.56
C ILE B 315 -14.69 14.33 -16.74
N ASN B 316 -15.42 13.97 -15.68
CA ASN B 316 -16.22 12.75 -15.72
C ASN B 316 -17.34 12.84 -16.76
N ALA B 317 -18.03 13.97 -16.84
CA ALA B 317 -19.16 14.16 -17.75
C ALA B 317 -18.79 15.21 -18.80
N GLY B 318 -17.74 14.90 -19.58
CA GLY B 318 -17.23 15.80 -20.59
C GLY B 318 -17.62 15.42 -22.01
N ASP B 319 -17.27 16.30 -22.93
CA ASP B 319 -17.48 16.11 -24.37
C ASP B 319 -16.09 15.86 -24.95
N PHE B 320 -15.66 14.59 -24.95
CA PHE B 320 -14.29 14.27 -25.31
C PHE B 320 -14.13 13.29 -26.47
N HIS B 321 -15.21 12.75 -27.04
CA HIS B 321 -15.04 11.92 -28.22
C HIS B 321 -14.52 12.77 -29.38
N GLY B 322 -13.69 12.16 -30.20
CA GLY B 322 -13.15 12.89 -31.33
C GLY B 322 -11.96 13.74 -30.99
N LEU B 323 -11.37 13.57 -29.82
CA LEU B 323 -10.31 14.43 -29.32
C LEU B 323 -9.02 13.63 -29.23
N GLN B 324 -7.94 14.17 -29.77
CA GLN B 324 -6.62 13.61 -29.58
C GLN B 324 -5.92 14.37 -28.47
N VAL B 325 -5.32 13.63 -27.54
CA VAL B 325 -4.66 14.21 -26.38
C VAL B 325 -3.35 13.45 -26.16
N LEU B 326 -2.26 14.20 -25.98
CA LEU B 326 -0.95 13.62 -25.68
C LEU B 326 -0.54 14.10 -24.29
N VAL B 327 -0.27 13.16 -23.39
CA VAL B 327 0.01 13.47 -21.99
C VAL B 327 1.19 12.63 -21.53
N GLY B 328 1.91 13.13 -20.54
CA GLY B 328 3.00 12.36 -19.95
C GLY B 328 3.61 13.08 -18.78
N VAL B 329 4.57 12.40 -18.15
CA VAL B 329 5.27 12.88 -16.97
C VAL B 329 6.76 12.63 -17.14
N VAL B 330 7.57 13.34 -16.36
CA VAL B 330 8.99 13.01 -16.26
C VAL B 330 9.11 11.89 -15.22
N LYS B 331 10.30 11.31 -15.08
CA LYS B 331 10.45 10.16 -14.21
C LYS B 331 10.54 10.53 -12.73
N ASP B 332 11.07 11.72 -12.41
CA ASP B 332 11.23 12.15 -11.01
C ASP B 332 10.54 13.50 -10.84
N GLU B 333 9.22 13.45 -10.78
CA GLU B 333 8.39 14.66 -10.75
C GLU B 333 8.53 15.40 -9.43
N GLY B 334 8.63 14.68 -8.31
CA GLY B 334 8.57 15.33 -7.01
C GLY B 334 9.86 15.96 -6.55
N SER B 335 11.00 15.51 -7.10
CA SER B 335 12.30 15.89 -6.54
C SER B 335 12.52 17.40 -6.54
N TYR B 336 12.22 18.08 -7.66
CA TYR B 336 12.44 19.51 -7.76
C TYR B 336 11.82 20.29 -6.60
N PHE B 337 10.65 19.86 -6.14
CA PHE B 337 9.86 20.65 -5.20
C PHE B 337 10.31 20.48 -3.76
N LEU B 338 11.09 19.45 -3.46
CA LEU B 338 11.45 19.16 -2.08
C LEU B 338 12.36 20.24 -1.48
N VAL B 339 13.23 20.84 -2.30
CA VAL B 339 14.19 21.81 -1.78
C VAL B 339 13.53 23.14 -1.47
N TYR B 340 12.21 23.22 -1.63
CA TYR B 340 11.46 24.44 -1.37
C TYR B 340 10.62 24.34 -0.10
N GLY B 341 11.00 23.50 0.84
CA GLY B 341 10.30 23.43 2.11
C GLY B 341 10.28 22.07 2.75
N ALA B 342 10.91 21.07 2.14
CA ALA B 342 10.89 19.80 2.84
C ALA B 342 12.11 19.71 3.75
N PRO B 343 11.93 19.38 5.03
CA PRO B 343 13.05 19.47 5.99
C PRO B 343 14.18 18.51 5.66
N GLY B 344 15.37 19.07 5.46
CA GLY B 344 16.57 18.29 5.21
C GLY B 344 17.02 18.22 3.77
N PHE B 345 16.52 19.08 2.90
CA PHE B 345 16.72 18.97 1.47
C PHE B 345 17.47 20.19 0.96
N SER B 346 18.45 19.94 0.07
CA SER B 346 19.16 21.00 -0.63
C SER B 346 19.74 20.43 -1.92
N LYS B 347 19.91 21.30 -2.92
CA LYS B 347 20.56 20.88 -4.15
C LYS B 347 22.02 20.54 -3.92
N ASP B 348 22.64 21.15 -2.90
CA ASP B 348 24.05 20.98 -2.63
C ASP B 348 24.30 19.83 -1.67
N ASN B 349 23.29 19.46 -0.89
CA ASN B 349 23.38 18.32 -0.01
C ASN B 349 22.97 17.07 -0.79
N GLU B 350 23.17 15.90 -0.18
CA GLU B 350 22.61 14.69 -0.76
C GLU B 350 21.26 14.39 -0.15
N SER B 351 20.82 15.23 0.79
CA SER B 351 19.47 15.23 1.33
C SER B 351 19.08 13.87 1.89
N LEU B 352 20.02 13.23 2.60
CA LEU B 352 19.73 11.96 3.25
C LEU B 352 18.97 12.30 4.53
N ILE B 353 17.66 12.11 4.52
CA ILE B 353 16.82 12.62 5.59
C ILE B 353 16.58 11.53 6.62
N SER B 354 16.27 11.96 7.84
CA SER B 354 15.86 11.05 8.90
C SER B 354 14.37 10.73 8.76
N ARG B 355 13.96 9.65 9.40
CA ARG B 355 12.53 9.32 9.43
C ARG B 355 11.72 10.44 10.06
N ALA B 356 12.25 11.08 11.10
CA ALA B 356 11.56 12.19 11.73
C ALA B 356 11.35 13.34 10.74
N GLU B 357 12.33 13.57 9.87
CA GLU B 357 12.19 14.58 8.82
C GLU B 357 11.19 14.14 7.76
N PHE B 358 11.19 12.85 7.42
CA PHE B 358 10.26 12.34 6.42
C PHE B 358 8.81 12.53 6.85
N LEU B 359 8.49 12.11 8.09
CA LEU B 359 7.13 12.25 8.60
C LEU B 359 6.69 13.72 8.58
N ALA B 360 7.62 14.63 8.86
CA ALA B 360 7.29 16.05 8.74
C ALA B 360 7.14 16.47 7.28
N GLY B 361 7.88 15.81 6.38
CA GLY B 361 7.78 16.15 4.96
C GLY B 361 6.47 15.75 4.33
N VAL B 362 5.87 14.64 4.78
CA VAL B 362 4.56 14.26 4.24
C VAL B 362 3.48 15.26 4.67
N ARG B 363 3.62 15.84 5.88
CA ARG B 363 2.65 16.81 6.35
CA ARG B 363 2.67 16.83 6.38
C ARG B 363 2.73 18.13 5.59
N VAL B 364 3.85 18.41 4.94
CA VAL B 364 3.99 19.60 4.13
C VAL B 364 3.83 19.30 2.64
N GLY B 365 4.22 18.10 2.17
CA GLY B 365 3.91 17.72 0.80
C GLY B 365 2.43 17.46 0.58
N VAL B 366 1.77 16.86 1.57
CA VAL B 366 0.34 16.57 1.52
C VAL B 366 -0.34 17.44 2.58
N PRO B 367 -0.46 18.76 2.36
CA PRO B 367 -0.85 19.66 3.45
C PRO B 367 -2.31 19.62 3.92
N GLN B 368 -3.27 19.68 2.99
CA GLN B 368 -4.67 19.91 3.29
C GLN B 368 -5.43 18.77 3.97
N VAL B 369 -4.76 17.78 4.56
CA VAL B 369 -5.47 16.57 4.97
C VAL B 369 -5.37 16.30 6.47
N SER B 370 -6.21 15.37 6.91
CA SER B 370 -6.33 14.95 8.30
C SER B 370 -5.12 14.12 8.73
N ASP B 371 -5.04 13.86 10.04
CA ASP B 371 -3.97 13.04 10.57
C ASP B 371 -4.08 11.58 10.13
N LEU B 372 -5.31 11.06 10.05
CA LEU B 372 -5.47 9.67 9.61
C LEU B 372 -5.05 9.51 8.16
N ALA B 373 -5.43 10.45 7.30
CA ALA B 373 -4.97 10.42 5.91
C ALA B 373 -3.46 10.43 5.82
N ALA B 374 -2.80 11.28 6.62
CA ALA B 374 -1.35 11.36 6.58
C ALA B 374 -0.70 10.04 6.99
N GLU B 375 -1.27 9.37 8.00
CA GLU B 375 -0.78 8.05 8.37
C GLU B 375 -0.92 7.06 7.22
N ALA B 376 -2.05 7.12 6.50
CA ALA B 376 -2.23 6.26 5.33
C ALA B 376 -1.14 6.49 4.30
N VAL B 377 -0.74 7.75 4.08
CA VAL B 377 0.34 8.04 3.13
C VAL B 377 1.64 7.39 3.57
N VAL B 378 1.95 7.49 4.87
CA VAL B 378 3.19 6.93 5.39
C VAL B 378 3.17 5.41 5.26
N LEU B 379 2.00 4.79 5.37
CA LEU B 379 1.90 3.34 5.22
C LEU B 379 2.33 2.89 3.82
N HIS B 380 1.76 3.49 2.78
N HIS B 380 1.77 3.49 2.79
CA HIS B 380 2.03 3.01 1.43
CA HIS B 380 2.01 3.04 1.42
C HIS B 380 3.43 3.36 0.95
C HIS B 380 3.41 3.37 0.94
N TYR B 381 4.01 4.44 1.46
CA TYR B 381 5.29 4.92 0.97
C TYR B 381 6.48 4.54 1.84
N THR B 382 6.25 4.14 3.09
CA THR B 382 7.34 3.61 3.90
C THR B 382 7.70 2.21 3.45
N ASP B 383 9.00 1.93 3.42
CA ASP B 383 9.48 0.56 3.26
C ASP B 383 9.64 0.00 4.66
N TRP B 384 8.73 -0.88 5.07
CA TRP B 384 8.73 -1.35 6.44
C TRP B 384 9.81 -2.39 6.69
N LEU B 385 10.59 -2.73 5.67
CA LEU B 385 11.80 -3.50 5.84
C LEU B 385 13.01 -2.62 6.10
N HIS B 386 12.98 -1.37 5.61
CA HIS B 386 14.04 -0.40 5.85
C HIS B 386 13.40 0.96 6.15
N PRO B 387 12.61 1.05 7.23
CA PRO B 387 11.87 2.28 7.50
C PRO B 387 12.75 3.47 7.87
N GLU B 388 14.03 3.24 8.15
CA GLU B 388 14.91 4.29 8.66
C GLU B 388 15.99 4.69 7.67
N ASP B 389 16.24 3.86 6.65
CA ASP B 389 17.22 4.13 5.62
C ASP B 389 17.00 5.52 5.02
N PRO B 390 17.95 6.44 5.17
CA PRO B 390 17.73 7.81 4.64
C PRO B 390 17.66 7.85 3.13
N ALA B 391 18.39 6.97 2.43
CA ALA B 391 18.35 6.98 0.97
C ALA B 391 16.95 6.65 0.46
N ARG B 392 16.30 5.65 1.06
CA ARG B 392 14.95 5.30 0.63
C ARG B 392 13.93 6.37 1.04
N LEU B 393 14.09 6.93 2.24
CA LEU B 393 13.18 7.99 2.69
C LEU B 393 13.27 9.21 1.77
N ARG B 394 14.47 9.49 1.24
CA ARG B 394 14.63 10.59 0.31
C ARG B 394 13.83 10.34 -0.96
N GLU B 395 14.10 9.23 -1.64
CA GLU B 395 13.37 8.86 -2.84
C GLU B 395 11.87 8.70 -2.56
N ALA B 396 11.53 8.15 -1.38
CA ALA B 396 10.13 7.93 -1.03
C ALA B 396 9.34 9.23 -1.03
N LEU B 397 9.81 10.23 -0.27
CA LEU B 397 9.08 11.50 -0.22
C LEU B 397 9.00 12.16 -1.59
N SER B 398 10.03 11.95 -2.42
CA SER B 398 9.94 12.40 -3.81
C SER B 398 8.72 11.81 -4.50
N ASP B 399 8.44 10.53 -4.25
CA ASP B 399 7.28 9.88 -4.87
C ASP B 399 5.98 10.48 -4.35
N VAL B 400 5.86 10.65 -3.03
CA VAL B 400 4.64 11.19 -2.43
C VAL B 400 4.24 12.49 -3.13
N VAL B 401 5.18 13.40 -3.27
CA VAL B 401 4.89 14.70 -3.88
C VAL B 401 4.65 14.54 -5.37
N GLY B 402 5.50 13.76 -6.06
CA GLY B 402 5.31 13.57 -7.48
C GLY B 402 4.01 12.86 -7.82
N ASP B 403 3.70 11.79 -7.08
CA ASP B 403 2.47 11.05 -7.33
C ASP B 403 1.25 11.90 -7.03
N HIS B 404 1.16 12.44 -5.81
CA HIS B 404 0.01 13.21 -5.37
C HIS B 404 -0.28 14.41 -6.26
N ASN B 405 0.74 15.01 -6.86
CA ASN B 405 0.58 16.32 -7.48
C ASN B 405 0.48 16.29 -9.01
N VAL B 406 1.23 15.44 -9.70
CA VAL B 406 1.18 15.38 -11.17
C VAL B 406 0.80 13.99 -11.68
N VAL B 407 1.51 12.94 -11.23
CA VAL B 407 1.45 11.65 -11.90
C VAL B 407 0.03 11.09 -11.83
N CYS B 408 -0.51 10.96 -10.62
CA CYS B 408 -1.86 10.44 -10.44
C CYS B 408 -2.94 11.36 -11.03
N PRO B 409 -2.81 12.69 -10.93
CA PRO B 409 -3.78 13.55 -11.64
C PRO B 409 -3.77 13.41 -13.16
N VAL B 410 -2.60 13.23 -13.80
CA VAL B 410 -2.67 13.04 -15.24
C VAL B 410 -3.08 11.62 -15.58
N ALA B 411 -2.74 10.66 -14.72
CA ALA B 411 -3.22 9.30 -14.93
C ALA B 411 -4.74 9.24 -14.84
N GLN B 412 -5.32 9.98 -13.90
CA GLN B 412 -6.78 10.04 -13.76
C GLN B 412 -7.42 10.70 -14.98
N LEU B 413 -6.83 11.81 -15.45
CA LEU B 413 -7.36 12.50 -16.63
C LEU B 413 -7.22 11.65 -17.88
N ALA B 414 -6.14 10.88 -18.00
CA ALA B 414 -5.92 10.12 -19.23
C ALA B 414 -6.93 8.98 -19.35
N GLY B 415 -7.16 8.25 -18.25
CA GLY B 415 -8.12 7.16 -18.28
C GLY B 415 -9.53 7.64 -18.57
N ARG B 416 -9.91 8.79 -18.01
CA ARG B 416 -11.28 9.27 -18.18
C ARG B 416 -11.50 9.90 -19.55
N LEU B 417 -10.47 10.51 -20.13
CA LEU B 417 -10.56 10.95 -21.51
C LEU B 417 -10.72 9.75 -22.44
N ALA B 418 -9.87 8.73 -22.25
CA ALA B 418 -9.94 7.52 -23.07
C ALA B 418 -11.30 6.84 -22.93
N ALA B 419 -11.80 6.70 -21.70
CA ALA B 419 -13.06 6.00 -21.48
C ALA B 419 -14.25 6.71 -22.11
N GLN B 420 -14.10 7.97 -22.51
CA GLN B 420 -15.20 8.73 -23.09
C GLN B 420 -14.94 9.10 -24.55
N GLY B 421 -14.04 8.39 -25.22
CA GLY B 421 -13.92 8.51 -26.65
C GLY B 421 -12.72 9.29 -27.14
N ALA B 422 -11.82 9.69 -26.27
CA ALA B 422 -10.66 10.43 -26.71
C ALA B 422 -9.56 9.47 -27.16
N ARG B 423 -8.69 9.96 -28.03
CA ARG B 423 -7.53 9.20 -28.47
C ARG B 423 -6.33 9.77 -27.73
N VAL B 424 -5.88 9.02 -26.72
CA VAL B 424 -4.91 9.50 -25.75
C VAL B 424 -3.60 8.76 -25.96
N TYR B 425 -2.49 9.50 -26.00
CA TYR B 425 -1.16 8.92 -26.05
C TYR B 425 -0.37 9.38 -24.81
N ALA B 426 0.30 8.43 -24.17
CA ALA B 426 0.96 8.66 -22.88
C ALA B 426 2.43 8.30 -22.96
N TYR B 427 3.27 9.11 -22.32
CA TYR B 427 4.71 8.91 -22.30
C TYR B 427 5.26 9.05 -20.88
N VAL B 428 6.46 8.53 -20.68
CA VAL B 428 7.27 8.83 -19.50
C VAL B 428 8.67 9.25 -19.99
N PHE B 429 9.02 10.50 -19.74
CA PHE B 429 10.32 11.04 -20.11
C PHE B 429 11.34 10.67 -19.04
N GLU B 430 12.28 9.78 -19.38
CA GLU B 430 13.23 9.29 -18.39
C GLU B 430 14.67 9.33 -18.90
N HIS B 431 15.06 10.38 -19.63
CA HIS B 431 16.46 10.61 -19.96
C HIS B 431 16.98 11.86 -19.28
N ARG B 432 18.11 11.71 -18.60
CA ARG B 432 18.75 12.78 -17.86
C ARG B 432 19.74 13.53 -18.75
N ALA B 433 19.45 14.81 -19.02
CA ALA B 433 20.34 15.63 -19.84
C ALA B 433 21.74 15.69 -19.22
N SER B 434 22.76 15.55 -20.08
CA SER B 434 24.15 15.58 -19.61
C SER B 434 24.53 16.94 -19.03
N THR B 435 23.85 18.02 -19.42
CA THR B 435 24.15 19.36 -18.94
C THR B 435 23.46 19.67 -17.63
N LEU B 436 22.99 18.64 -16.91
CA LEU B 436 22.06 18.86 -15.80
C LEU B 436 22.66 19.75 -14.73
N SER B 437 21.96 20.86 -14.47
CA SER B 437 22.38 21.79 -13.44
C SER B 437 22.13 21.26 -12.03
N TRP B 438 21.07 20.50 -11.84
CA TRP B 438 20.66 19.98 -10.55
C TRP B 438 21.43 18.71 -10.19
N PRO B 439 21.50 18.37 -8.88
CA PRO B 439 22.27 17.18 -8.44
C PRO B 439 21.75 15.86 -8.97
N LEU B 440 22.45 14.77 -8.67
CA LEU B 440 22.13 13.47 -9.26
C LEU B 440 20.94 12.79 -8.59
N TRP B 441 20.69 13.08 -7.32
CA TRP B 441 19.57 12.42 -6.64
C TRP B 441 18.21 12.88 -7.15
N MET B 442 18.13 14.03 -7.81
CA MET B 442 16.88 14.52 -8.38
C MET B 442 16.51 13.85 -9.71
N GLY B 443 17.40 13.01 -10.27
CA GLY B 443 17.05 12.28 -11.48
C GLY B 443 16.70 13.21 -12.62
N VAL B 444 15.56 12.95 -13.26
CA VAL B 444 15.00 13.85 -14.27
C VAL B 444 13.91 14.70 -13.63
N PRO B 445 14.21 15.94 -13.25
CA PRO B 445 13.26 16.73 -12.46
C PRO B 445 12.16 17.34 -13.32
N HIS B 446 11.13 17.81 -12.63
CA HIS B 446 10.01 18.54 -13.21
C HIS B 446 10.47 19.69 -14.09
N GLY B 447 10.22 19.60 -15.40
CA GLY B 447 10.53 20.67 -16.33
C GLY B 447 11.67 20.41 -17.30
N TYR B 448 12.34 19.27 -17.23
CA TYR B 448 13.56 19.06 -18.01
C TYR B 448 13.34 18.08 -19.16
N GLU B 449 12.10 17.93 -19.59
CA GLU B 449 11.80 17.45 -20.93
C GLU B 449 11.67 18.61 -21.90
N ILE B 450 11.33 19.81 -21.40
CA ILE B 450 11.07 20.96 -22.25
C ILE B 450 12.26 21.25 -23.16
N GLU B 451 13.47 21.24 -22.58
CA GLU B 451 14.69 21.47 -23.35
C GLU B 451 14.70 20.67 -24.65
N PHE B 452 14.38 19.38 -24.55
CA PHE B 452 14.48 18.49 -25.69
C PHE B 452 13.31 18.68 -26.66
N ILE B 453 12.09 18.81 -26.13
CA ILE B 453 10.91 19.02 -26.97
C ILE B 453 11.07 20.23 -27.88
N PHE B 454 11.73 21.28 -27.40
CA PHE B 454 11.92 22.50 -28.20
C PHE B 454 13.18 22.45 -29.07
N GLY B 455 13.92 21.35 -29.05
CA GLY B 455 15.10 21.21 -29.88
C GLY B 455 16.28 22.08 -29.48
N ILE B 456 16.40 22.41 -28.20
CA ILE B 456 17.54 23.18 -27.68
C ILE B 456 18.84 22.40 -27.84
N PRO B 457 18.83 21.03 -27.82
CA PRO B 457 20.06 20.31 -28.17
C PRO B 457 20.70 20.72 -29.50
N LEU B 458 19.92 21.26 -30.43
CA LEU B 458 20.49 21.68 -31.71
C LEU B 458 21.19 23.03 -31.67
N ASP B 459 21.02 23.81 -30.61
CA ASP B 459 21.72 25.08 -30.50
C ASP B 459 23.21 24.82 -30.33
N PRO B 460 24.07 25.31 -31.24
CA PRO B 460 25.50 25.07 -31.07
C PRO B 460 26.09 25.67 -29.81
N SER B 461 25.47 26.73 -29.27
CA SER B 461 25.98 27.36 -28.06
C SER B 461 25.98 26.40 -26.87
N ARG B 462 25.03 25.47 -26.83
CA ARG B 462 24.93 24.47 -25.77
C ARG B 462 25.69 23.20 -26.11
N ASN B 463 26.24 22.58 -25.06
CA ASN B 463 27.13 21.43 -25.16
C ASN B 463 26.40 20.10 -25.04
N TYR B 464 25.28 19.94 -25.75
CA TYR B 464 24.60 18.66 -25.75
C TYR B 464 25.37 17.64 -26.58
N THR B 465 25.23 16.36 -26.23
CA THR B 465 25.91 15.28 -26.92
C THR B 465 25.24 14.98 -28.27
N ALA B 466 25.94 14.17 -29.07
CA ALA B 466 25.41 13.81 -30.39
C ALA B 466 24.20 12.89 -30.27
N GLU B 467 24.21 11.95 -29.32
CA GLU B 467 23.02 11.13 -29.11
C GLU B 467 21.86 11.96 -28.59
N GLU B 468 22.12 13.07 -27.90
CA GLU B 468 21.03 13.89 -27.41
C GLU B 468 20.35 14.67 -28.52
N LYS B 469 21.14 15.17 -29.49
CA LYS B 469 20.52 15.94 -30.58
C LYS B 469 19.65 15.06 -31.48
N ILE B 470 20.05 13.80 -31.71
CA ILE B 470 19.15 12.91 -32.46
C ILE B 470 17.90 12.63 -31.65
N PHE B 471 18.04 12.55 -30.32
CA PHE B 471 16.88 12.36 -29.45
C PHE B 471 15.88 13.51 -29.61
N ALA B 472 16.37 14.75 -29.50
CA ALA B 472 15.49 15.90 -29.63
C ALA B 472 14.80 15.93 -30.99
N GLN B 473 15.54 15.60 -32.05
CA GLN B 473 14.93 15.52 -33.38
C GLN B 473 13.82 14.47 -33.41
N ARG B 474 14.00 13.35 -32.71
CA ARG B 474 12.94 12.35 -32.63
C ARG B 474 11.75 12.88 -31.83
N LEU B 475 12.01 13.55 -30.71
CA LEU B 475 10.93 14.09 -29.90
C LEU B 475 10.19 15.18 -30.67
N MET B 476 10.93 16.11 -31.26
CA MET B 476 10.33 17.17 -32.06
C MET B 476 9.50 16.59 -33.20
N ARG B 477 9.87 15.39 -33.66
CA ARG B 477 9.05 14.71 -34.66
C ARG B 477 7.78 14.13 -34.05
N TYR B 478 7.90 13.47 -32.89
CA TYR B 478 6.72 12.94 -32.20
C TYR B 478 5.67 14.03 -31.99
N TRP B 479 6.08 15.18 -31.48
CA TRP B 479 5.15 16.27 -31.20
C TRP B 479 4.54 16.81 -32.48
N ALA B 480 5.40 17.19 -33.45
CA ALA B 480 4.92 17.66 -34.74
C ALA B 480 3.93 16.70 -35.38
N ASN B 481 4.30 15.42 -35.47
CA ASN B 481 3.37 14.40 -35.97
C ASN B 481 2.00 14.51 -35.33
N PHE B 482 1.97 14.59 -34.00
CA PHE B 482 0.69 14.68 -33.29
C PHE B 482 -0.09 15.90 -33.75
N ALA B 483 0.57 17.06 -33.82
CA ALA B 483 -0.12 18.28 -34.26
C ALA B 483 -0.67 18.12 -35.66
N ARG B 484 0.06 17.41 -36.53
CA ARG B 484 -0.38 17.23 -37.91
C ARG B 484 -1.51 16.21 -38.02
N THR B 485 -1.44 15.14 -37.23
CA THR B 485 -2.28 13.96 -37.47
C THR B 485 -3.10 13.52 -36.26
N GLY B 486 -2.76 13.95 -35.06
CA GLY B 486 -3.34 13.34 -33.87
C GLY B 486 -2.72 12.02 -33.52
N ASP B 487 -1.49 11.77 -33.96
CA ASP B 487 -0.82 10.49 -33.79
C ASP B 487 0.68 10.73 -33.83
N PRO B 488 1.42 10.45 -32.74
CA PRO B 488 2.85 10.79 -32.74
C PRO B 488 3.72 9.88 -33.58
N ASN B 489 3.40 8.60 -33.71
CA ASN B 489 4.33 7.74 -34.43
C ASN B 489 4.19 7.97 -35.94
N GLU B 490 5.11 7.38 -36.68
CA GLU B 490 5.21 7.60 -38.11
C GLU B 490 3.94 7.18 -38.83
N PRO B 491 3.52 7.93 -39.87
CA PRO B 491 2.25 7.63 -40.54
C PRO B 491 2.10 6.18 -40.94
N ARG B 492 3.20 5.54 -41.36
CA ARG B 492 3.19 4.09 -41.55
C ARG B 492 4.61 3.52 -41.51
N ASP B 493 5.34 3.75 -40.43
CA ASP B 493 6.71 3.22 -40.30
C ASP B 493 6.68 1.70 -40.20
N PRO B 494 7.48 0.99 -40.99
CA PRO B 494 7.46 -0.48 -40.91
C PRO B 494 8.20 -1.09 -39.73
N LYS B 495 9.32 -0.51 -39.29
CA LYS B 495 10.08 -1.16 -38.23
C LYS B 495 10.18 -0.37 -36.94
N ALA B 496 10.04 0.95 -36.96
CA ALA B 496 10.10 1.67 -35.70
C ALA B 496 8.98 1.18 -34.81
N PRO B 497 9.24 0.90 -33.53
CA PRO B 497 8.22 0.28 -32.67
C PRO B 497 7.04 1.21 -32.42
N GLN B 498 5.84 0.68 -32.62
CA GLN B 498 4.64 1.50 -32.58
C GLN B 498 4.32 1.93 -31.15
N TRP B 499 3.94 3.19 -31.00
CA TRP B 499 3.44 3.83 -29.79
C TRP B 499 1.93 3.59 -29.72
N PRO B 500 1.46 2.66 -28.90
CA PRO B 500 0.02 2.38 -28.83
C PRO B 500 -0.69 3.44 -28.02
N PRO B 501 -1.98 3.69 -28.31
CA PRO B 501 -2.74 4.63 -27.50
C PRO B 501 -2.96 4.14 -26.09
N TYR B 502 -2.95 5.08 -25.15
CA TYR B 502 -3.32 4.79 -23.77
C TYR B 502 -4.82 4.54 -23.66
N THR B 503 -5.19 3.46 -22.98
CA THR B 503 -6.58 3.11 -22.74
C THR B 503 -6.77 2.87 -21.24
N ALA B 504 -8.01 2.99 -20.79
CA ALA B 504 -8.30 2.87 -19.36
C ALA B 504 -7.97 1.49 -18.84
N GLY B 505 -8.13 0.45 -19.66
CA GLY B 505 -7.87 -0.90 -19.22
C GLY B 505 -6.43 -1.34 -19.40
N ALA B 506 -5.88 -1.19 -20.60
CA ALA B 506 -4.51 -1.62 -20.85
C ALA B 506 -3.49 -0.63 -20.30
N GLN B 507 -3.81 0.67 -20.28
CA GLN B 507 -2.96 1.71 -19.69
C GLN B 507 -1.54 1.67 -20.24
N GLN B 508 -1.42 1.58 -21.56
CA GLN B 508 -0.10 1.51 -22.19
C GLN B 508 0.49 2.90 -22.37
N TYR B 509 1.76 3.05 -22.01
CA TYR B 509 2.52 4.27 -22.26
C TYR B 509 3.89 3.88 -22.82
N VAL B 510 4.63 4.88 -23.30
CA VAL B 510 5.96 4.64 -23.83
C VAL B 510 6.98 5.33 -22.95
N SER B 511 8.25 4.97 -23.15
CA SER B 511 9.37 5.56 -22.45
C SER B 511 10.15 6.42 -23.43
N LEU B 512 10.44 7.65 -23.04
CA LEU B 512 11.17 8.59 -23.89
C LEU B 512 12.58 8.74 -23.34
N ASP B 513 13.53 8.03 -23.95
CA ASP B 513 14.96 8.21 -23.66
C ASP B 513 15.76 7.81 -24.90
N LEU B 514 17.08 7.72 -24.76
CA LEU B 514 17.91 7.38 -25.92
C LEU B 514 17.63 5.99 -26.42
N ARG B 515 17.09 5.12 -25.58
CA ARG B 515 16.72 3.80 -26.05
C ARG B 515 15.43 3.92 -26.85
N PRO B 516 15.21 3.04 -27.83
CA PRO B 516 13.97 3.10 -28.62
C PRO B 516 12.74 2.95 -27.75
N LEU B 517 11.59 3.30 -28.34
CA LEU B 517 10.31 3.29 -27.65
C LEU B 517 10.06 1.98 -26.90
N GLU B 518 10.08 2.03 -25.57
CA GLU B 518 9.68 0.91 -24.74
C GLU B 518 8.20 1.07 -24.40
N VAL B 519 7.39 0.07 -24.74
CA VAL B 519 5.98 0.10 -24.41
C VAL B 519 5.81 -0.57 -23.04
N ARG B 520 5.35 0.20 -22.07
CA ARG B 520 5.12 -0.28 -20.72
C ARG B 520 3.65 -0.17 -20.36
N ARG B 521 3.23 -0.95 -19.36
CA ARG B 521 1.85 -0.97 -18.91
C ARG B 521 1.79 -0.49 -17.47
N GLY B 522 0.79 0.34 -17.16
CA GLY B 522 0.52 0.79 -15.81
C GLY B 522 1.32 2.01 -15.42
N LEU B 523 0.63 3.13 -15.21
CA LEU B 523 1.26 4.41 -14.94
C LEU B 523 1.27 4.65 -13.42
N ARG B 524 2.15 3.91 -12.76
CA ARG B 524 2.13 3.78 -11.30
C ARG B 524 0.72 3.46 -10.83
N ALA B 525 0.17 2.37 -11.40
CA ALA B 525 -1.23 2.01 -11.16
C ALA B 525 -1.48 1.76 -9.68
N GLN B 526 -0.60 1.01 -9.03
CA GLN B 526 -0.84 0.61 -7.64
C GLN B 526 -0.78 1.81 -6.70
N ALA B 527 0.05 2.80 -7.00
CA ALA B 527 0.14 3.98 -6.15
C ALA B 527 -1.07 4.90 -6.34
N CYS B 528 -1.44 5.15 -7.61
CA CYS B 528 -2.53 6.07 -7.89
C CYS B 528 -3.90 5.50 -7.50
N ALA B 529 -4.02 4.18 -7.33
CA ALA B 529 -5.23 3.65 -6.73
C ALA B 529 -5.48 4.26 -5.35
N PHE B 530 -4.40 4.47 -4.59
CA PHE B 530 -4.53 5.12 -3.30
C PHE B 530 -4.94 6.57 -3.45
N TRP B 531 -4.25 7.32 -4.31
CA TRP B 531 -4.50 8.75 -4.43
C TRP B 531 -5.86 9.02 -5.08
N ASN B 532 -6.17 8.32 -6.17
CA ASN B 532 -7.35 8.65 -6.94
C ASN B 532 -8.62 8.01 -6.37
N ARG B 533 -8.52 6.86 -5.71
CA ARG B 533 -9.71 6.13 -5.27
C ARG B 533 -9.85 6.07 -3.76
N PHE B 534 -8.88 5.48 -3.04
CA PHE B 534 -9.09 5.23 -1.61
C PHE B 534 -9.04 6.51 -0.81
N LEU B 535 -8.05 7.37 -1.07
CA LEU B 535 -7.84 8.56 -0.26
C LEU B 535 -9.07 9.47 -0.19
N PRO B 536 -9.76 9.79 -1.29
CA PRO B 536 -10.96 10.65 -1.16
C PRO B 536 -12.04 10.04 -0.27
N LYS B 537 -12.28 8.74 -0.36
CA LYS B 537 -13.27 8.11 0.51
C LYS B 537 -12.89 8.30 1.98
N LEU B 538 -11.62 8.11 2.30
CA LEU B 538 -11.15 8.28 3.68
C LEU B 538 -11.36 9.72 4.16
N LEU B 539 -11.00 10.70 3.32
CA LEU B 539 -11.17 12.10 3.72
C LEU B 539 -12.64 12.44 3.91
N SER B 540 -13.51 11.96 3.03
CA SER B 540 -14.94 12.21 3.15
C SER B 540 -15.57 11.43 4.30
N ALA B 541 -14.87 10.47 4.89
CA ALA B 541 -15.40 9.64 5.96
C ALA B 541 -14.73 9.87 7.32
N THR B 542 -13.81 10.81 7.42
CA THR B 542 -13.24 11.16 8.73
C THR B 542 -13.40 12.65 9.03
C1 NAG C . -15.43 -24.19 -8.30
C2 NAG C . -16.22 -23.23 -9.16
C3 NAG C . -17.24 -22.48 -8.31
C4 NAG C . -18.13 -23.46 -7.56
C5 NAG C . -17.30 -24.50 -6.80
C6 NAG C . -18.11 -25.68 -6.34
C7 NAG C . -15.36 -22.02 -11.14
C8 NAG C . -16.42 -22.75 -11.94
N2 NAG C . -15.33 -22.29 -9.83
O3 NAG C . -18.02 -21.64 -9.15
O4 NAG C . -18.96 -22.72 -6.66
O5 NAG C . -16.30 -25.07 -7.66
O6 NAG C . -18.35 -26.47 -7.49
O7 NAG C . -14.59 -21.23 -11.66
C1 NAG C . -20.30 -23.28 -6.56
C2 NAG C . -20.97 -22.67 -5.32
C3 NAG C . -22.38 -23.23 -5.17
C4 NAG C . -23.18 -23.05 -6.45
C5 NAG C . -22.41 -23.62 -7.65
C6 NAG C . -23.10 -23.35 -8.97
C7 NAG C . -19.48 -21.96 -3.51
C8 NAG C . -18.72 -22.39 -2.29
N2 NAG C . -20.18 -22.91 -4.14
O3 NAG C . -23.04 -22.57 -4.08
O4 NAG C . -24.43 -23.73 -6.34
O5 NAG C . -21.11 -23.02 -7.73
O6 NAG C . -22.60 -24.21 -9.99
O7 NAG C . -19.48 -20.80 -3.90
C1 FUC C . -19.14 -27.70 -7.39
C2 FUC C . -18.10 -28.85 -7.51
C3 FUC C . -18.78 -30.20 -7.43
C4 FUC C . -20.32 -30.11 -7.40
C5 FUC C . -20.77 -29.10 -6.28
C6 FUC C . -22.16 -28.54 -6.49
O2 FUC C . -17.15 -28.76 -6.46
O3 FUC C . -18.39 -30.95 -8.57
O4 FUC C . -20.87 -29.74 -8.68
O5 FUC C . -19.92 -27.90 -6.20
C1 NAG D . -30.29 -17.62 39.53
C2 NAG D . -29.76 -17.73 40.95
C3 NAG D . -30.32 -19.00 41.60
C4 NAG D . -31.83 -18.87 41.78
C5 NAG D . -32.48 -17.93 40.76
C6 NAG D . -32.76 -16.52 41.28
C7 NAG D . -27.54 -16.66 41.11
C8 NAG D . -28.27 -15.35 41.28
N2 NAG D . -28.30 -17.75 40.96
O3 NAG D . -29.65 -19.28 42.83
O4 NAG D . -32.44 -20.14 41.59
O5 NAG D . -31.75 -17.82 39.52
O6 NAG D . -32.70 -15.56 40.23
O7 NAG D . -26.31 -16.71 41.11
C1 NAG D . -30.47 -19.96 43.83
C2 NAG D . -30.41 -21.48 43.65
C3 NAG D . -30.62 -22.18 45.00
C4 NAG D . -31.54 -21.38 45.91
C5 NAG D . -31.01 -19.96 46.14
C6 NAG D . -30.34 -19.79 47.48
C7 NAG D . -31.20 -22.91 41.80
C8 NAG D . -29.86 -23.56 41.83
N2 NAG D . -31.41 -21.93 42.69
O3 NAG D . -29.37 -22.40 45.63
O4 NAG D . -32.85 -21.32 45.36
O5 NAG D . -30.04 -19.62 45.14
O6 NAG D . -30.39 -20.99 48.24
O7 NAG D . -32.08 -23.25 41.00
C1 NAG E . 21.37 19.05 4.16
C2 NAG E . 21.53 18.88 5.66
C3 NAG E . 20.37 19.54 6.38
C4 NAG E . 20.28 21.00 6.00
C5 NAG E . 20.28 21.19 4.48
C6 NAG E . 20.44 22.65 4.08
C7 NAG E . 22.85 16.94 6.37
C8 NAG E . 24.04 17.86 6.32
N2 NAG E . 21.66 17.48 6.03
O3 NAG E . 20.54 19.40 7.78
O4 NAG E . 19.09 21.56 6.56
O5 NAG E . 21.36 20.46 3.84
O6 NAG E . 21.32 22.87 2.99
O7 NAG E . 22.95 15.76 6.68
C1 NAG E . 19.34 22.54 7.60
C2 NAG E . 18.05 22.76 8.39
C3 NAG E . 18.26 23.80 9.48
C4 NAG E . 19.44 23.41 10.36
C5 NAG E . 20.69 23.14 9.51
C6 NAG E . 21.85 22.62 10.32
C7 NAG E . 15.72 22.63 7.60
C8 NAG E . 15.51 21.59 8.66
N2 NAG E . 16.95 23.15 7.52
O3 NAG E . 17.09 23.92 10.27
O4 NAG E . 19.73 24.46 11.28
O5 NAG E . 20.40 22.15 8.51
O6 NAG E . 21.46 22.35 11.66
O7 NAG E . 14.81 22.99 6.86
C1 FUC E . 22.51 23.66 3.30
C2 FUC E . 22.21 24.90 4.30
C3 FUC E . 22.84 24.77 5.72
C4 FUC E . 24.32 24.43 5.59
C5 FUC E . 24.58 23.15 4.73
C6 FUC E . 25.93 23.15 3.99
O2 FUC E . 20.88 25.46 4.31
O3 FUC E . 22.75 26.01 6.42
O4 FUC E . 25.06 25.55 5.11
O5 FUC E . 23.51 22.74 3.78
C1 NAG F . 1.94 -45.74 -1.03
C2 NAG F . 1.80 -47.12 -1.69
C3 NAG F . 0.31 -47.52 -1.74
C4 NAG F . -0.37 -47.31 -0.39
C5 NAG F . -0.04 -45.92 0.17
C6 NAG F . -0.60 -45.67 1.55
C7 NAG F . 2.66 -48.24 -3.70
C8 NAG F . 3.24 -48.04 -5.07
N2 NAG F . 2.37 -47.12 -3.02
O3 NAG F . 0.17 -48.87 -2.16
O4 NAG F . -1.78 -47.42 -0.53
O5 NAG F . 1.37 -45.76 0.25
O6 NAG F . -0.07 -44.46 2.07
O7 NAG F . 2.48 -49.36 -3.22
C02 QRH G . -13.17 -21.70 8.90
C03 QRH G . -12.41 -22.52 9.92
O01 QRH G . -12.55 -20.91 8.25
C04 QRH G . -11.74 -23.59 9.44
C05 QRH G . -10.83 -24.66 9.94
C06 QRH G . -10.67 -25.77 10.66
C07 QRH G . -9.34 -26.51 10.88
C08 QRH G . -8.31 -26.00 11.71
C09 QRH G . -7.11 -26.67 11.89
C11 QRH G . -5.10 -27.52 12.59
C13 QRH G . -6.85 -27.90 11.22
C14 QRH G . -7.83 -28.42 10.39
C15 QRH G . -9.05 -27.71 10.23
C17 QRH G . -15.29 -22.86 9.56
C18 QRH G . -15.16 -24.26 8.88
C19 QRH G . -14.80 -25.46 9.80
C20 QRH G . -15.54 -26.84 9.53
C21 QRH G . -17.12 -26.81 9.28
C22 QRH G . -18.06 -25.58 9.71
C24 QRH G . -19.05 -24.93 6.81
C25 QRH G . -19.23 -23.84 5.92
C26 QRH G . -18.96 -23.80 4.54
C27 QRH G . -18.45 -24.92 3.89
C28 QRH G . -18.23 -26.05 4.69
C29 QRH G . -18.53 -26.04 6.08
C30 QRH G . -19.59 -23.12 9.16
C31 QRH G . -18.80 -22.04 8.65
C32 QRH G . -18.90 -20.69 9.03
C33 QRH G . -19.83 -20.28 9.99
C34 QRH G . -20.63 -21.29 10.53
C35 QRH G . -20.50 -22.64 10.11
C36 QRH G . -20.91 -25.88 9.03
C37 QRH G . -21.69 -26.62 8.10
C38 QRH G . -22.80 -27.41 8.42
C39 QRH G . -23.23 -27.56 9.73
C40 QRH G . -22.50 -26.88 10.71
C41 QRH G . -21.39 -26.09 10.35
N16 QRH G . -14.56 -21.89 8.78
O10 QRH G . -5.98 -26.39 12.63
O12 QRH G . -5.60 -28.36 11.56
P23 QRH G . -19.45 -24.87 8.64
S SO4 H . 12.89 -42.03 -3.45
O1 SO4 H . 13.60 -43.30 -3.32
O2 SO4 H . 13.45 -41.28 -4.56
O3 SO4 H . 11.47 -42.29 -3.70
O4 SO4 H . 13.02 -41.26 -2.21
S SO4 I . 3.35 -3.45 16.68
O1 SO4 I . 3.92 -4.45 17.59
O2 SO4 I . 3.50 -3.94 15.31
O3 SO4 I . 1.94 -3.26 16.99
O4 SO4 I . 4.08 -2.19 16.82
S SO4 J . -13.78 -2.42 -7.36
O1 SO4 J . -13.19 -3.74 -7.15
O2 SO4 J . -13.40 -1.90 -8.67
O3 SO4 J . -15.23 -2.54 -7.29
O4 SO4 J . -13.29 -1.52 -6.31
S SO4 K . 18.20 -5.00 14.79
O1 SO4 K . 19.18 -5.98 15.29
O2 SO4 K . 16.97 -5.67 14.37
O3 SO4 K . 17.95 -4.03 15.85
O4 SO4 K . 18.75 -4.33 13.61
S SO4 L . 18.79 -5.73 26.00
O1 SO4 L . 19.16 -6.34 27.27
O2 SO4 L . 18.01 -6.68 25.20
O3 SO4 L . 18.00 -4.53 26.23
O4 SO4 L . 20.01 -5.39 25.27
S SO4 M . -15.90 -6.72 26.95
O1 SO4 M . -14.65 -7.45 27.12
O2 SO4 M . -16.61 -7.24 25.79
O3 SO4 M . -16.74 -6.89 28.14
O4 SO4 M . -15.62 -5.30 26.74
S SO4 N . 4.69 -7.94 1.42
O1 SO4 N . 6.01 -7.46 1.02
O2 SO4 N . 4.66 -9.41 1.38
O3 SO4 N . 4.36 -7.52 2.78
O4 SO4 N . 3.68 -7.41 0.50
S SO4 O . 2.48 3.08 14.79
O1 SO4 O . 2.36 3.21 13.33
O2 SO4 O . 3.42 2.01 15.10
O3 SO4 O . 2.95 4.34 15.36
O4 SO4 O . 1.17 2.76 15.34
S SO4 P . 6.47 -15.97 0.75
O1 SO4 P . 7.70 -16.38 1.42
O2 SO4 P . 6.05 -17.00 -0.18
O3 SO4 P . 6.72 -14.72 0.03
O4 SO4 P . 5.41 -15.76 1.75
S SO4 Q . 2.59 -49.76 15.69
O1 SO4 Q . 2.67 -50.97 14.89
O2 SO4 Q . 3.94 -49.38 16.13
O3 SO4 Q . 1.76 -50.01 16.87
O4 SO4 Q . 2.01 -48.67 14.91
BR BR R . -7.26 -8.53 -16.00
CL CL S . -4.21 -23.38 38.94
CL CL T . 19.85 -12.74 24.92
CL CL U . -4.25 -30.16 -8.78
CL CL V . -2.37 -51.18 44.84
CL CL W . 22.09 -41.38 28.49
CL CL X . -20.11 0.95 8.04
CL CL Y . -1.33 -11.75 -17.60
CL CL Z . -11.08 -37.18 -3.01
CL CL AA . -5.41 -9.32 20.86
CL CL BA . 2.81 0.56 23.68
CL CL CA . 14.76 -11.57 0.98
S SO4 DA . -8.93 -1.59 -23.05
O1 SO4 DA . -8.42 -2.40 -21.95
O2 SO4 DA . -7.85 -1.29 -23.97
O3 SO4 DA . -9.46 -0.33 -22.51
O4 SO4 DA . -9.99 -2.31 -23.74
S SO4 EA . 6.54 5.67 12.51
O1 SO4 EA . 6.98 4.49 13.25
O2 SO4 EA . 7.62 6.12 11.63
O3 SO4 EA . 6.20 6.74 13.44
O4 SO4 EA . 5.37 5.30 11.71
S SO4 FA . 13.15 12.27 -42.65
O1 SO4 FA . 13.37 11.48 -41.45
O2 SO4 FA . 13.91 11.72 -43.76
O3 SO4 FA . 11.73 12.28 -42.97
O4 SO4 FA . 13.59 13.65 -42.41
S SO4 GA . -16.41 26.74 -1.95
O1 SO4 GA . -15.17 26.90 -1.20
O2 SO4 GA . -16.90 25.37 -1.83
O3 SO4 GA . -17.42 27.65 -1.40
O4 SO4 GA . -16.15 27.05 -3.36
S SO4 HA . -10.39 7.15 -11.39
O1 SO4 HA . -11.00 5.93 -10.84
O2 SO4 HA . -8.99 7.21 -10.95
O3 SO4 HA . -10.47 7.11 -12.85
O4 SO4 HA . -11.10 8.31 -10.87
S SO4 IA . 4.34 49.81 -9.74
O1 SO4 IA . 5.31 50.09 -10.80
O2 SO4 IA . 4.86 48.77 -8.85
O3 SO4 IA . 4.10 51.02 -8.96
O4 SO4 IA . 3.10 49.34 -10.33
S SO4 JA . -7.67 52.93 -9.83
O1 SO4 JA . -6.75 52.29 -10.76
O2 SO4 JA . -8.90 52.16 -9.76
O3 SO4 JA . -7.97 54.28 -10.29
O4 SO4 JA . -7.06 52.99 -8.50
S SO4 KA . 20.19 34.66 -31.79
O1 SO4 KA . 21.20 34.38 -32.81
O2 SO4 KA . 19.46 33.44 -31.53
O3 SO4 KA . 20.84 35.10 -30.56
O4 SO4 KA . 19.28 35.70 -32.27
BR BR LA . -12.49 19.05 -31.15
CL CL MA . -17.78 34.07 -2.67
CL CL NA . 14.75 -2.05 -3.64
CL CL OA . 7.64 6.56 -13.38
CL CL PA . 0.75 50.19 -29.21
CL CL QA . 17.08 0.39 7.85
CL CL RA . 20.10 -2.98 2.20
CL CL SA . -0.68 54.25 -41.12
CL CL TA . 2.89 1.79 -8.48
CL CL UA . 25.95 16.45 -8.25
CL CL VA . -12.02 29.10 3.21
CL CL WA . 4.96 24.48 -48.23
CL CL XA . 5.28 24.60 -12.69
#